data_3WBB
#
_entry.id   3WBB
#
_cell.length_a   136.820
_cell.length_b   99.950
_cell.length_c   84.830
_cell.angle_alpha   90.00
_cell.angle_beta   112.25
_cell.angle_gamma   90.00
#
_symmetry.space_group_name_H-M   'C 1 2 1'
#
loop_
_entity.id
_entity.type
_entity.pdbx_description
1 polymer 'Diaminopimelate dehydrogenase'
2 non-polymer GLYCEROL
3 non-polymer 'NADP NICOTINAMIDE-ADENINE-DINUCLEOTIDE PHOSPHATE'
4 water water
#
_entity_poly.entity_id   1
_entity_poly.type   'polypeptide(L)'
_entity_poly.pdbx_seq_one_letter_code
;HHHHHHMDKLRVAVVGYGNVGRYALEAVQAAPDMELVGVVRRKVLAATPPELTGVRVVTDISQLEGVQGALLCVPTRSVP
EYAEAMLRRGIHTVDSYDIHGDLADLRRRLDPVAREHGAAAVISAGWDPGTDSIIRALLEFMAPKGITYTNFGPGMSMGH
SVAVKAIPGVRDALSMTIPAGMGVHKRAVYVELEPGADFAEVERAIKTDPYFVRDETRVTQVESVSALMDVGHGVVMERK
GVSGATHNQLFRFEMRINNPALTAQVMVAALRAAARQKPGCYTMIEIPVIDYLPGDREAWIRKLV
;
_entity_poly.pdbx_strand_id   A,B,C
#
loop_
_chem_comp.id
_chem_comp.type
_chem_comp.name
_chem_comp.formula
GOL non-polymer GLYCEROL 'C3 H8 O3'
NAP non-polymer 'NADP NICOTINAMIDE-ADENINE-DINUCLEOTIDE PHOSPHATE' 'C21 H28 N7 O17 P3'
#
# COMPACT_ATOMS: atom_id res chain seq x y z
N LYS A 9 6.14 -14.81 21.73
CA LYS A 9 6.79 -13.70 20.97
C LYS A 9 8.18 -14.10 20.48
N LEU A 10 8.38 -14.01 19.17
CA LEU A 10 9.66 -14.38 18.54
C LEU A 10 10.80 -13.40 18.86
N ARG A 11 11.88 -13.92 19.43
CA ARG A 11 13.04 -13.11 19.77
C ARG A 11 13.90 -12.99 18.52
N VAL A 12 14.05 -11.75 18.04
CA VAL A 12 14.76 -11.49 16.79
C VAL A 12 15.96 -10.54 16.88
N ALA A 13 16.92 -10.76 15.99
CA ALA A 13 18.11 -9.92 15.93
C ALA A 13 18.26 -9.33 14.53
N VAL A 14 18.67 -8.07 14.45
CA VAL A 14 18.88 -7.41 13.17
C VAL A 14 20.38 -7.50 12.89
N VAL A 15 20.74 -8.12 11.77
CA VAL A 15 22.15 -8.27 11.43
C VAL A 15 22.52 -7.33 10.29
N GLY A 16 23.37 -6.34 10.59
CA GLY A 16 23.77 -5.38 9.58
C GLY A 16 22.98 -4.10 9.74
N TYR A 17 23.58 -3.07 10.34
CA TYR A 17 22.87 -1.81 10.54
C TYR A 17 23.12 -0.81 9.42
N GLY A 18 22.67 -1.18 8.21
CA GLY A 18 22.83 -0.29 7.06
C GLY A 18 21.47 0.32 6.73
N ASN A 19 21.25 0.60 5.45
CA ASN A 19 19.99 1.20 5.02
C ASN A 19 18.79 0.36 5.44
N VAL A 20 18.76 -0.88 4.98
CA VAL A 20 17.66 -1.78 5.32
C VAL A 20 17.67 -2.10 6.81
N GLY A 21 18.85 -2.34 7.35
CA GLY A 21 18.97 -2.63 8.77
C GLY A 21 18.33 -1.58 9.66
N ARG A 22 18.54 -0.31 9.33
CA ARG A 22 17.97 0.78 10.12
C ARG A 22 16.43 0.73 10.12
N TYR A 23 15.85 0.35 8.98
CA TYR A 23 14.40 0.24 8.91
C TYR A 23 13.93 -1.05 9.58
N ALA A 24 14.74 -2.11 9.46
CA ALA A 24 14.40 -3.39 10.07
C ALA A 24 14.23 -3.22 11.58
N LEU A 25 15.07 -2.40 12.19
CA LEU A 25 14.99 -2.14 13.63
C LEU A 25 13.58 -1.65 13.95
N GLU A 26 13.13 -0.68 13.15
CA GLU A 26 11.80 -0.09 13.34
C GLU A 26 10.68 -1.09 13.07
N ALA A 27 10.85 -1.90 12.03
CA ALA A 27 9.83 -2.89 11.68
C ALA A 27 9.67 -3.93 12.79
N VAL A 28 10.78 -4.35 13.38
CA VAL A 28 10.73 -5.32 14.47
C VAL A 28 10.06 -4.71 15.69
N GLN A 29 10.47 -3.49 16.04
CA GLN A 29 9.89 -2.82 17.21
C GLN A 29 8.39 -2.62 17.07
N ALA A 30 7.93 -2.46 15.82
CA ALA A 30 6.51 -2.24 15.56
C ALA A 30 5.70 -3.53 15.44
N ALA A 31 6.37 -4.66 15.22
CA ALA A 31 5.68 -5.95 15.11
C ALA A 31 5.08 -6.35 16.47
N PRO A 32 3.80 -6.77 16.48
CA PRO A 32 3.14 -7.15 17.74
C PRO A 32 3.54 -8.52 18.29
N ASP A 33 4.15 -9.34 17.44
CA ASP A 33 4.54 -10.69 17.82
C ASP A 33 6.05 -10.91 17.87
N MET A 34 6.81 -9.82 17.91
CA MET A 34 8.26 -9.94 17.97
C MET A 34 8.90 -9.08 19.03
N GLU A 35 10.07 -9.51 19.48
CA GLU A 35 10.84 -8.80 20.49
C GLU A 35 12.26 -8.63 19.95
N LEU A 36 12.72 -7.38 19.84
CA LEU A 36 14.05 -7.10 19.33
C LEU A 36 15.07 -7.36 20.43
N VAL A 37 15.90 -8.39 20.25
CA VAL A 37 16.90 -8.72 21.26
C VAL A 37 18.11 -7.81 21.10
N GLY A 38 18.45 -7.49 19.86
CA GLY A 38 19.59 -6.62 19.62
C GLY A 38 20.00 -6.51 18.17
N VAL A 39 21.10 -5.81 17.94
CA VAL A 39 21.64 -5.58 16.61
C VAL A 39 23.07 -6.11 16.55
N VAL A 40 23.41 -6.77 15.45
CA VAL A 40 24.74 -7.33 15.26
C VAL A 40 25.50 -6.53 14.18
N ARG A 41 26.61 -5.93 14.58
CA ARG A 41 27.42 -5.13 13.66
C ARG A 41 28.85 -5.66 13.58
N ARG A 42 29.58 -5.25 12.55
CA ARG A 42 30.97 -5.70 12.39
C ARG A 42 31.82 -5.08 13.48
N LYS A 43 31.49 -3.86 13.88
CA LYS A 43 32.21 -3.16 14.92
C LYS A 43 31.23 -2.27 15.70
N VAL A 44 31.57 -1.98 16.95
CA VAL A 44 30.71 -1.14 17.78
C VAL A 44 31.56 -0.02 18.36
N LEU A 45 31.38 1.19 17.84
CA LEU A 45 32.14 2.35 18.30
C LEU A 45 31.60 2.89 19.62
N ALA A 46 32.43 3.66 20.33
CA ALA A 46 32.04 4.24 21.61
C ALA A 46 30.90 5.23 21.41
N ALA A 47 30.88 5.91 20.28
CA ALA A 47 29.83 6.87 19.97
C ALA A 47 28.58 6.13 19.52
N THR A 48 27.62 5.98 20.42
CA THR A 48 26.38 5.28 20.14
C THR A 48 25.38 6.11 19.32
N PRO A 49 24.89 5.56 18.20
CA PRO A 49 23.91 6.32 17.41
C PRO A 49 22.72 6.60 18.33
N PRO A 50 22.15 7.81 18.27
CA PRO A 50 21.01 8.16 19.13
C PRO A 50 19.91 7.12 19.25
N GLU A 51 19.40 6.66 18.11
CA GLU A 51 18.31 5.68 18.11
C GLU A 51 18.67 4.29 18.65
N LEU A 52 19.96 4.03 18.87
CA LEU A 52 20.38 2.74 19.41
C LEU A 52 20.72 2.84 20.90
N THR A 53 20.46 4.00 21.48
CA THR A 53 20.75 4.24 22.90
C THR A 53 20.27 3.14 23.86
N GLY A 54 19.04 2.69 23.68
CA GLY A 54 18.52 1.65 24.57
C GLY A 54 18.48 0.29 23.91
N VAL A 55 19.38 0.08 22.96
CA VAL A 55 19.43 -1.18 22.21
C VAL A 55 20.76 -1.89 22.39
N ARG A 56 20.71 -3.21 22.54
CA ARG A 56 21.91 -4.02 22.72
C ARG A 56 22.56 -4.19 21.34
N VAL A 57 23.80 -3.76 21.23
CA VAL A 57 24.54 -3.84 19.97
C VAL A 57 25.85 -4.60 20.21
N VAL A 58 26.02 -5.70 19.49
CA VAL A 58 27.21 -6.53 19.64
C VAL A 58 27.77 -6.98 18.28
N THR A 59 28.92 -7.66 18.31
CA THR A 59 29.56 -8.12 17.08
C THR A 59 29.37 -9.61 16.83
N ASP A 60 28.80 -10.32 17.81
CA ASP A 60 28.59 -11.76 17.72
C ASP A 60 27.18 -12.06 18.19
N ILE A 61 26.37 -12.67 17.33
CA ILE A 61 24.98 -12.97 17.69
C ILE A 61 24.84 -13.81 18.95
N SER A 62 25.90 -14.51 19.33
CA SER A 62 25.88 -15.34 20.54
C SER A 62 25.63 -14.52 21.80
N GLN A 63 25.97 -13.24 21.76
CA GLN A 63 25.79 -12.36 22.91
C GLN A 63 24.36 -11.83 23.02
N LEU A 64 23.50 -12.20 22.08
CA LEU A 64 22.11 -11.79 22.12
C LEU A 64 21.33 -12.99 22.64
N GLU A 65 20.94 -12.92 23.91
CA GLU A 65 20.24 -13.99 24.60
C GLU A 65 18.95 -14.49 23.98
N GLY A 66 18.87 -15.81 23.81
CA GLY A 66 17.68 -16.46 23.26
C GLY A 66 17.20 -16.08 21.87
N VAL A 67 18.10 -15.64 21.00
CA VAL A 67 17.69 -15.26 19.64
C VAL A 67 17.15 -16.48 18.90
N GLN A 68 15.99 -16.30 18.28
CA GLN A 68 15.33 -17.37 17.53
C GLN A 68 15.34 -17.10 16.03
N GLY A 69 15.37 -15.81 15.67
CA GLY A 69 15.37 -15.44 14.26
C GLY A 69 16.30 -14.29 13.97
N ALA A 70 16.87 -14.28 12.77
CA ALA A 70 17.79 -13.23 12.36
C ALA A 70 17.39 -12.60 11.03
N LEU A 71 17.43 -11.27 10.97
CA LEU A 71 17.14 -10.55 9.74
C LEU A 71 18.50 -10.20 9.16
N LEU A 72 18.86 -10.84 8.06
CA LEU A 72 20.16 -10.63 7.43
C LEU A 72 20.17 -9.43 6.50
N CYS A 73 20.42 -8.25 7.06
CA CYS A 73 20.42 -7.01 6.28
C CYS A 73 21.83 -6.67 5.83
N VAL A 74 22.52 -7.66 5.25
CA VAL A 74 23.89 -7.49 4.77
C VAL A 74 23.93 -7.46 3.24
N PRO A 75 25.09 -7.07 2.66
CA PRO A 75 25.19 -7.01 1.19
C PRO A 75 24.84 -8.34 0.56
N THR A 76 24.28 -8.28 -0.65
CA THR A 76 23.89 -9.47 -1.39
C THR A 76 24.93 -10.58 -1.39
N ARG A 77 26.18 -10.24 -1.69
CA ARG A 77 27.24 -11.25 -1.74
C ARG A 77 27.56 -11.89 -0.39
N SER A 78 27.20 -11.22 0.70
CA SER A 78 27.48 -11.73 2.04
C SER A 78 26.37 -12.64 2.58
N VAL A 79 25.21 -12.59 1.95
CA VAL A 79 24.07 -13.39 2.40
C VAL A 79 24.34 -14.89 2.56
N PRO A 80 24.92 -15.55 1.54
CA PRO A 80 25.17 -16.98 1.68
C PRO A 80 25.91 -17.40 2.95
N GLU A 81 27.08 -16.79 3.18
CA GLU A 81 27.89 -17.09 4.37
C GLU A 81 27.18 -16.74 5.66
N TYR A 82 26.47 -15.61 5.68
CA TYR A 82 25.76 -15.21 6.88
C TYR A 82 24.61 -16.16 7.21
N ALA A 83 23.86 -16.56 6.19
CA ALA A 83 22.73 -17.45 6.38
C ALA A 83 23.20 -18.81 6.93
N GLU A 84 24.26 -19.37 6.34
CA GLU A 84 24.75 -20.65 6.80
C GLU A 84 25.27 -20.54 8.22
N ALA A 85 25.87 -19.42 8.57
CA ALA A 85 26.39 -19.22 9.92
C ALA A 85 25.27 -19.20 10.95
N MET A 86 24.18 -18.50 10.63
CA MET A 86 23.05 -18.40 11.54
C MET A 86 22.29 -19.72 11.63
N LEU A 87 22.04 -20.34 10.48
CA LEU A 87 21.32 -21.61 10.44
C LEU A 87 22.07 -22.68 11.23
N ARG A 88 23.38 -22.72 11.10
CA ARG A 88 24.18 -23.70 11.85
C ARG A 88 24.10 -23.47 13.35
N ARG A 89 23.47 -22.37 13.73
CA ARG A 89 23.28 -22.05 15.15
C ARG A 89 21.84 -22.34 15.51
N GLY A 90 21.07 -22.86 14.55
CA GLY A 90 19.68 -23.17 14.79
C GLY A 90 18.78 -21.95 14.75
N ILE A 91 19.30 -20.86 14.21
CA ILE A 91 18.56 -19.61 14.12
C ILE A 91 17.88 -19.45 12.76
N HIS A 92 16.56 -19.23 12.77
CA HIS A 92 15.81 -19.04 11.53
C HIS A 92 16.37 -17.79 10.86
N THR A 93 16.39 -17.75 9.54
CA THR A 93 16.93 -16.59 8.84
C THR A 93 16.10 -16.08 7.67
N VAL A 94 16.17 -14.77 7.45
CA VAL A 94 15.48 -14.16 6.34
C VAL A 94 16.45 -13.17 5.71
N ASP A 95 16.45 -13.14 4.39
CA ASP A 95 17.32 -12.24 3.64
C ASP A 95 16.53 -11.79 2.42
N SER A 96 16.96 -10.70 1.79
CA SER A 96 16.30 -10.21 0.59
C SER A 96 17.23 -10.33 -0.62
N TYR A 97 18.06 -11.37 -0.61
CA TYR A 97 19.03 -11.66 -1.69
C TYR A 97 18.37 -11.30 -3.01
N ASP A 98 18.97 -10.36 -3.74
CA ASP A 98 18.36 -9.87 -4.98
C ASP A 98 18.82 -10.34 -6.35
N ILE A 99 19.57 -11.43 -6.43
CA ILE A 99 20.01 -11.90 -7.74
C ILE A 99 19.05 -12.96 -8.30
N HIS A 100 18.21 -12.54 -9.23
CA HIS A 100 17.21 -13.42 -9.85
C HIS A 100 17.79 -14.66 -10.54
N GLY A 101 18.98 -14.54 -11.10
CA GLY A 101 19.55 -15.68 -11.80
C GLY A 101 20.19 -16.75 -10.95
N ASP A 102 20.47 -16.43 -9.69
CA ASP A 102 21.13 -17.37 -8.79
C ASP A 102 20.35 -17.79 -7.54
N LEU A 103 19.31 -17.04 -7.18
CA LEU A 103 18.58 -17.38 -5.95
C LEU A 103 18.03 -18.81 -5.91
N ALA A 104 17.69 -19.37 -7.06
CA ALA A 104 17.18 -20.74 -7.07
C ALA A 104 18.26 -21.68 -6.56
N ASP A 105 19.52 -21.38 -6.90
CA ASP A 105 20.64 -22.19 -6.46
C ASP A 105 20.94 -21.94 -4.99
N LEU A 106 20.70 -20.70 -4.53
CA LEU A 106 20.92 -20.37 -3.13
C LEU A 106 19.94 -21.20 -2.31
N ARG A 107 18.73 -21.34 -2.84
CA ARG A 107 17.67 -22.11 -2.19
C ARG A 107 18.11 -23.55 -1.96
N ARG A 108 18.67 -24.17 -3.00
CA ARG A 108 19.12 -25.54 -2.89
C ARG A 108 20.30 -25.67 -1.95
N ARG A 109 21.15 -24.65 -1.92
CA ARG A 109 22.32 -24.65 -1.04
C ARG A 109 21.95 -24.58 0.44
N LEU A 110 21.03 -23.67 0.77
CA LEU A 110 20.62 -23.48 2.16
C LEU A 110 19.63 -24.49 2.70
N ASP A 111 18.90 -25.17 1.82
CA ASP A 111 17.89 -26.13 2.26
C ASP A 111 18.38 -27.20 3.23
N PRO A 112 19.47 -27.92 2.88
CA PRO A 112 19.97 -28.98 3.77
C PRO A 112 20.62 -28.43 5.04
N VAL A 113 21.22 -27.24 4.96
CA VAL A 113 21.86 -26.62 6.11
C VAL A 113 20.79 -26.27 7.14
N ALA A 114 19.71 -25.67 6.66
CA ALA A 114 18.60 -25.28 7.52
C ALA A 114 17.94 -26.51 8.13
N ARG A 115 17.65 -27.49 7.29
CA ARG A 115 17.01 -28.72 7.73
C ARG A 115 17.83 -29.49 8.77
N GLU A 116 19.13 -29.64 8.52
CA GLU A 116 19.99 -30.38 9.43
C GLU A 116 20.20 -29.71 10.78
N HIS A 117 19.85 -28.43 10.88
CA HIS A 117 20.00 -27.72 12.15
C HIS A 117 18.67 -27.28 12.72
N GLY A 118 17.60 -27.90 12.25
CA GLY A 118 16.25 -27.61 12.73
C GLY A 118 15.75 -26.19 12.59
N ALA A 119 16.20 -25.51 11.53
CA ALA A 119 15.79 -24.13 11.32
C ALA A 119 15.19 -23.91 9.93
N ALA A 120 14.56 -22.76 9.75
CA ALA A 120 13.93 -22.43 8.48
C ALA A 120 14.54 -21.15 7.94
N ALA A 121 14.74 -21.11 6.63
CA ALA A 121 15.29 -19.95 5.96
C ALA A 121 14.36 -19.54 4.84
N VAL A 122 14.05 -18.24 4.77
CA VAL A 122 13.23 -17.71 3.70
C VAL A 122 14.15 -16.72 3.00
N ILE A 123 14.49 -17.01 1.75
CA ILE A 123 15.40 -16.15 1.01
C ILE A 123 14.69 -15.22 0.04
N SER A 124 15.40 -14.19 -0.41
CA SER A 124 14.89 -13.21 -1.36
C SER A 124 13.52 -12.66 -0.98
N ALA A 125 13.38 -12.25 0.27
CA ALA A 125 12.12 -11.72 0.76
C ALA A 125 12.08 -10.19 0.87
N GLY A 126 12.23 -9.50 -0.26
CA GLY A 126 12.16 -8.05 -0.29
C GLY A 126 10.93 -7.78 -1.13
N TRP A 127 10.90 -6.72 -1.93
CA TRP A 127 9.74 -6.52 -2.77
C TRP A 127 10.00 -7.06 -4.18
N ASP A 128 11.26 -7.18 -4.57
CA ASP A 128 11.60 -7.76 -5.86
C ASP A 128 13.09 -8.08 -5.93
N PRO A 129 13.45 -9.36 -5.75
CA PRO A 129 12.55 -10.49 -5.49
C PRO A 129 11.80 -10.39 -4.16
N GLY A 130 10.64 -11.05 -4.09
CA GLY A 130 9.85 -11.02 -2.88
C GLY A 130 8.38 -10.91 -3.17
N THR A 131 7.75 -9.85 -2.67
CA THR A 131 6.33 -9.66 -2.88
C THR A 131 5.97 -9.55 -4.37
N ASP A 132 6.83 -8.91 -5.16
CA ASP A 132 6.55 -8.79 -6.60
C ASP A 132 6.47 -10.18 -7.21
N SER A 133 7.26 -11.09 -6.66
CA SER A 133 7.31 -12.47 -7.13
C SER A 133 5.96 -13.16 -6.93
N ILE A 134 5.36 -12.92 -5.78
CA ILE A 134 4.05 -13.49 -5.51
C ILE A 134 3.05 -12.94 -6.53
N ILE A 135 3.07 -11.63 -6.72
CA ILE A 135 2.15 -11.01 -7.67
C ILE A 135 2.33 -11.59 -9.07
N ARG A 136 3.58 -11.76 -9.50
CA ARG A 136 3.81 -12.33 -10.82
C ARG A 136 3.21 -13.74 -10.90
N ALA A 137 3.34 -14.51 -9.83
CA ALA A 137 2.79 -15.86 -9.80
C ALA A 137 1.26 -15.83 -9.94
N LEU A 138 0.62 -14.87 -9.28
CA LEU A 138 -0.84 -14.74 -9.34
C LEU A 138 -1.28 -14.44 -10.77
N LEU A 139 -0.65 -13.44 -11.37
CA LEU A 139 -0.96 -13.05 -12.74
C LEU A 139 -0.79 -14.23 -13.69
N GLU A 140 0.24 -15.03 -13.42
CA GLU A 140 0.57 -16.19 -14.23
C GLU A 140 -0.54 -17.25 -14.23
N PHE A 141 -1.15 -17.53 -13.08
CA PHE A 141 -2.20 -18.55 -13.07
C PHE A 141 -3.59 -18.00 -13.35
N MET A 142 -3.77 -16.69 -13.18
CA MET A 142 -5.05 -16.05 -13.47
C MET A 142 -5.23 -15.95 -14.99
N ALA A 143 -4.12 -15.83 -15.71
CA ALA A 143 -4.14 -15.73 -17.17
C ALA A 143 -2.85 -16.39 -17.71
N PRO A 144 -2.84 -17.73 -17.76
CA PRO A 144 -1.74 -18.60 -18.21
C PRO A 144 -1.01 -18.23 -19.50
N LYS A 145 -1.70 -17.61 -20.46
CA LYS A 145 -1.08 -17.23 -21.73
C LYS A 145 -1.00 -15.72 -21.85
N GLY A 146 0.18 -15.21 -22.18
CA GLY A 146 0.37 -13.78 -22.28
C GLY A 146 1.74 -13.41 -21.77
N ILE A 147 1.97 -12.11 -21.58
CA ILE A 147 3.26 -11.63 -21.11
C ILE A 147 3.15 -10.63 -19.96
N THR A 148 3.96 -10.83 -18.93
CA THR A 148 3.97 -9.92 -17.78
C THR A 148 5.20 -9.02 -17.88
N TYR A 149 4.97 -7.72 -17.72
CA TYR A 149 6.06 -6.75 -17.79
C TYR A 149 6.25 -6.12 -16.41
N THR A 150 7.49 -6.09 -15.94
CA THR A 150 7.80 -5.49 -14.65
C THR A 150 8.62 -4.23 -14.92
N ASN A 151 8.04 -3.06 -14.66
CA ASN A 151 8.73 -1.79 -14.90
C ASN A 151 9.14 -1.11 -13.61
N PHE A 152 10.46 -0.96 -13.42
CA PHE A 152 11.02 -0.36 -12.21
C PHE A 152 11.35 1.12 -12.30
N GLY A 153 11.21 1.81 -11.18
CA GLY A 153 11.55 3.22 -11.12
C GLY A 153 10.46 4.25 -11.37
N PRO A 154 10.82 5.54 -11.34
CA PRO A 154 12.20 5.95 -11.09
C PRO A 154 12.68 5.67 -9.66
N GLY A 155 13.97 5.36 -9.53
CA GLY A 155 14.55 5.06 -8.24
C GLY A 155 16.03 4.77 -8.40
N MET A 156 16.79 4.86 -7.31
CA MET A 156 18.24 4.63 -7.36
C MET A 156 18.61 3.16 -7.53
N SER A 157 19.65 2.92 -8.31
CA SER A 157 20.12 1.55 -8.55
C SER A 157 21.28 1.18 -7.65
N MET A 158 21.17 0.00 -7.06
CA MET A 158 22.16 -0.58 -6.16
C MET A 158 23.58 -0.64 -6.74
N GLY A 159 23.88 -1.73 -7.42
CA GLY A 159 25.18 -1.93 -8.00
C GLY A 159 25.61 -0.89 -9.03
N HIS A 160 24.68 -0.45 -9.87
CA HIS A 160 24.99 0.53 -10.90
C HIS A 160 25.70 1.76 -10.35
N SER A 161 25.26 2.26 -9.20
CA SER A 161 25.88 3.43 -8.61
C SER A 161 27.31 3.13 -8.16
N VAL A 162 27.51 1.96 -7.55
CA VAL A 162 28.82 1.56 -7.08
C VAL A 162 29.76 1.33 -8.26
N ALA A 163 29.21 0.76 -9.34
CA ALA A 163 29.97 0.48 -10.54
C ALA A 163 30.54 1.75 -11.16
N VAL A 164 29.76 2.84 -11.10
CA VAL A 164 30.20 4.12 -11.65
C VAL A 164 31.20 4.78 -10.71
N LYS A 165 30.93 4.68 -9.41
CA LYS A 165 31.79 5.29 -8.40
C LYS A 165 33.18 4.66 -8.39
N ALA A 166 33.30 3.48 -8.99
CA ALA A 166 34.57 2.78 -9.05
C ALA A 166 35.42 3.23 -10.23
N ILE A 167 34.85 4.10 -11.07
CA ILE A 167 35.56 4.61 -12.24
C ILE A 167 36.52 5.73 -11.86
N PRO A 168 37.74 5.71 -12.43
CA PRO A 168 38.76 6.73 -12.15
C PRO A 168 38.25 8.14 -12.46
N GLY A 169 38.44 9.05 -11.52
CA GLY A 169 38.01 10.42 -11.73
C GLY A 169 36.60 10.71 -11.23
N VAL A 170 35.98 9.71 -10.62
CA VAL A 170 34.63 9.87 -10.09
C VAL A 170 34.66 9.92 -8.56
N ARG A 171 34.38 11.10 -8.01
CA ARG A 171 34.38 11.28 -6.56
C ARG A 171 33.20 10.55 -5.95
N ASP A 172 32.04 10.68 -6.59
CA ASP A 172 30.81 10.04 -6.11
C ASP A 172 29.80 10.06 -7.25
N ALA A 173 28.88 9.10 -7.25
CA ALA A 173 27.89 9.03 -8.32
C ALA A 173 26.56 8.43 -7.91
N LEU A 174 25.55 8.67 -8.73
CA LEU A 174 24.20 8.16 -8.51
C LEU A 174 23.61 7.66 -9.82
N SER A 175 23.12 6.43 -9.81
CA SER A 175 22.53 5.85 -11.01
C SER A 175 21.03 5.64 -10.81
N MET A 176 20.23 6.36 -11.60
CA MET A 176 18.77 6.26 -11.51
C MET A 176 18.24 5.26 -12.52
N THR A 177 17.33 4.40 -12.07
CA THR A 177 16.72 3.44 -12.96
C THR A 177 15.44 4.08 -13.48
N ILE A 178 15.32 4.19 -14.79
CA ILE A 178 14.16 4.81 -15.42
C ILE A 178 13.39 3.82 -16.28
N PRO A 179 12.08 3.66 -16.02
CA PRO A 179 11.26 2.74 -16.83
C PRO A 179 11.00 3.29 -18.23
N ALA A 180 11.36 2.52 -19.24
CA ALA A 180 11.17 2.94 -20.63
C ALA A 180 9.92 2.28 -21.21
N GLY A 181 9.39 1.28 -20.50
CA GLY A 181 8.21 0.58 -20.97
C GLY A 181 8.55 -0.82 -21.46
N MET A 182 7.53 -1.66 -21.60
CA MET A 182 7.70 -3.04 -22.06
C MET A 182 8.85 -3.76 -21.35
N GLY A 183 9.01 -3.47 -20.05
CA GLY A 183 10.05 -4.12 -19.28
C GLY A 183 11.47 -3.67 -19.61
N VAL A 184 11.60 -2.58 -20.36
CA VAL A 184 12.91 -2.06 -20.73
C VAL A 184 13.24 -0.89 -19.80
N HIS A 185 14.50 -0.76 -19.42
CA HIS A 185 14.89 0.33 -18.53
C HIS A 185 16.03 1.19 -19.06
N LYS A 186 15.95 2.49 -18.75
CA LYS A 186 16.96 3.46 -19.15
C LYS A 186 17.77 3.81 -17.89
N ARG A 187 18.96 4.37 -18.09
CA ARG A 187 19.83 4.74 -16.98
C ARG A 187 20.18 6.21 -17.02
N ALA A 188 19.96 6.90 -15.91
CA ALA A 188 20.28 8.32 -15.80
C ALA A 188 21.35 8.39 -14.70
N VAL A 189 22.59 8.63 -15.11
CA VAL A 189 23.71 8.68 -14.18
C VAL A 189 24.12 10.11 -13.86
N TYR A 190 24.40 10.34 -12.57
CA TYR A 190 24.81 11.65 -12.09
C TYR A 190 26.16 11.45 -11.40
N VAL A 191 27.17 12.18 -11.86
CA VAL A 191 28.50 12.03 -11.30
C VAL A 191 29.13 13.31 -10.77
N GLU A 192 29.93 13.13 -9.73
CA GLU A 192 30.65 14.23 -9.08
C GLU A 192 32.11 13.91 -9.36
N LEU A 193 32.71 14.60 -10.33
CA LEU A 193 34.09 14.36 -10.72
C LEU A 193 35.17 14.76 -9.72
N GLU A 194 36.23 13.97 -9.71
CA GLU A 194 37.38 14.20 -8.84
C GLU A 194 38.15 15.36 -9.47
N PRO A 195 38.79 16.20 -8.65
CA PRO A 195 39.55 17.34 -9.17
C PRO A 195 40.51 16.95 -10.31
N GLY A 196 40.26 17.50 -11.50
CA GLY A 196 41.12 17.21 -12.63
C GLY A 196 40.53 16.28 -13.68
N ALA A 197 39.81 15.26 -13.24
CA ALA A 197 39.19 14.28 -14.14
C ALA A 197 38.46 14.93 -15.32
N ASP A 198 38.44 14.23 -16.45
CA ASP A 198 37.77 14.71 -17.65
C ASP A 198 36.42 14.02 -17.83
N PHE A 199 35.35 14.83 -17.88
CA PHE A 199 34.00 14.32 -18.03
C PHE A 199 33.79 13.45 -19.26
N ALA A 200 34.27 13.93 -20.41
CA ALA A 200 34.12 13.20 -21.66
C ALA A 200 34.55 11.74 -21.53
N GLU A 201 35.71 11.52 -20.91
CA GLU A 201 36.23 10.17 -20.73
C GLU A 201 35.36 9.36 -19.77
N VAL A 202 35.00 9.97 -18.65
CA VAL A 202 34.17 9.29 -17.67
C VAL A 202 32.85 8.91 -18.32
N GLU A 203 32.29 9.83 -19.10
CA GLU A 203 31.02 9.60 -19.78
C GLU A 203 31.11 8.40 -20.72
N ARG A 204 32.24 8.27 -21.41
CA ARG A 204 32.47 7.16 -22.34
C ARG A 204 32.64 5.86 -21.57
N ALA A 205 33.42 5.89 -20.50
CA ALA A 205 33.68 4.72 -19.67
C ALA A 205 32.38 4.17 -19.09
N ILE A 206 31.45 5.07 -18.77
CA ILE A 206 30.17 4.67 -18.19
C ILE A 206 29.28 4.00 -19.22
N LYS A 207 28.98 4.70 -20.31
CA LYS A 207 28.12 4.19 -21.37
C LYS A 207 28.63 2.89 -21.98
N THR A 208 29.94 2.66 -21.88
CA THR A 208 30.53 1.45 -22.45
C THR A 208 30.64 0.31 -21.43
N ASP A 209 30.55 0.64 -20.15
CA ASP A 209 30.65 -0.36 -19.10
C ASP A 209 29.53 -1.38 -19.24
N PRO A 210 29.86 -2.68 -19.08
CA PRO A 210 28.88 -3.77 -19.18
C PRO A 210 27.58 -3.50 -18.41
N TYR A 211 27.69 -2.75 -17.33
CA TYR A 211 26.55 -2.41 -16.49
C TYR A 211 25.54 -1.49 -17.18
N PHE A 212 26.00 -0.74 -18.18
CA PHE A 212 25.12 0.19 -18.89
C PHE A 212 25.12 -0.01 -20.40
N VAL A 213 26.10 -0.75 -20.91
CA VAL A 213 26.23 -0.99 -22.34
C VAL A 213 24.99 -1.58 -23.01
N ARG A 214 24.12 -2.20 -22.24
CA ARG A 214 22.91 -2.81 -22.79
C ARG A 214 21.67 -1.91 -22.75
N ASP A 215 21.75 -0.81 -22.02
CA ASP A 215 20.62 0.09 -21.91
C ASP A 215 20.97 1.53 -22.28
N GLU A 216 19.96 2.30 -22.67
CA GLU A 216 20.15 3.69 -23.01
C GLU A 216 20.68 4.37 -21.75
N THR A 217 21.85 4.98 -21.85
CA THR A 217 22.45 5.64 -20.70
C THR A 217 22.79 7.09 -20.99
N ARG A 218 22.45 7.97 -20.05
CA ARG A 218 22.72 9.39 -20.17
C ARG A 218 23.49 9.80 -18.92
N VAL A 219 24.56 10.58 -19.11
CA VAL A 219 25.38 11.02 -18.00
C VAL A 219 25.34 12.53 -17.80
N THR A 220 25.31 12.95 -16.55
CA THR A 220 25.27 14.37 -16.21
C THR A 220 26.23 14.63 -15.05
N GLN A 221 27.04 15.68 -15.18
CA GLN A 221 27.98 16.03 -14.11
C GLN A 221 27.29 16.99 -13.17
N VAL A 222 27.45 16.76 -11.87
CA VAL A 222 26.83 17.62 -10.86
C VAL A 222 27.81 18.00 -9.75
N GLU A 223 27.50 19.10 -9.05
CA GLU A 223 28.35 19.57 -7.97
C GLU A 223 28.23 18.71 -6.73
N SER A 224 27.03 18.15 -6.51
CA SER A 224 26.79 17.32 -5.34
C SER A 224 25.81 16.19 -5.60
N VAL A 225 26.29 14.96 -5.47
CA VAL A 225 25.46 13.76 -5.68
C VAL A 225 24.55 13.55 -4.47
N SER A 226 25.07 13.87 -3.29
CA SER A 226 24.32 13.71 -2.04
C SER A 226 23.02 14.49 -2.07
N ALA A 227 23.04 15.65 -2.71
CA ALA A 227 21.87 16.51 -2.80
C ALA A 227 20.79 15.94 -3.72
N LEU A 228 21.10 14.84 -4.41
CA LEU A 228 20.16 14.23 -5.34
C LEU A 228 19.58 12.91 -4.85
N MET A 229 20.11 12.39 -3.76
CA MET A 229 19.70 11.10 -3.19
C MET A 229 18.32 11.03 -2.53
N ASP A 230 17.57 9.99 -2.88
CA ASP A 230 16.25 9.73 -2.31
C ASP A 230 15.98 8.25 -2.49
N VAL A 231 15.66 7.55 -1.41
CA VAL A 231 15.43 6.11 -1.47
C VAL A 231 14.05 5.68 -1.93
N GLY A 232 13.25 6.63 -2.39
CA GLY A 232 11.93 6.29 -2.88
C GLY A 232 12.12 5.47 -4.14
N HIS A 233 11.20 4.54 -4.41
CA HIS A 233 11.30 3.71 -5.59
C HIS A 233 9.90 3.22 -5.94
N GLY A 234 9.80 2.41 -6.99
CA GLY A 234 8.49 1.92 -7.34
C GLY A 234 8.49 0.91 -8.46
N VAL A 235 7.31 0.42 -8.78
CA VAL A 235 7.18 -0.56 -9.84
C VAL A 235 5.78 -0.56 -10.41
N VAL A 236 5.71 -0.94 -11.68
CA VAL A 236 4.45 -1.07 -12.38
C VAL A 236 4.55 -2.42 -13.08
N MET A 237 3.68 -3.34 -12.67
CA MET A 237 3.64 -4.67 -13.26
C MET A 237 2.35 -4.78 -14.04
N GLU A 238 2.46 -5.21 -15.30
CA GLU A 238 1.28 -5.34 -16.15
C GLU A 238 1.24 -6.66 -16.91
N ARG A 239 0.03 -7.13 -17.18
CA ARG A 239 -0.16 -8.35 -17.94
C ARG A 239 -1.46 -8.28 -18.70
N LYS A 240 -1.40 -8.65 -19.98
CA LYS A 240 -2.56 -8.71 -20.85
C LYS A 240 -2.52 -10.17 -21.28
N GLY A 241 -3.46 -10.97 -20.78
CA GLY A 241 -3.43 -12.38 -21.11
C GLY A 241 -4.74 -13.10 -21.26
N VAL A 242 -4.64 -14.41 -21.43
CA VAL A 242 -5.78 -15.27 -21.64
C VAL A 242 -6.16 -16.12 -20.42
N SER A 243 -7.39 -15.93 -19.94
CA SER A 243 -7.91 -16.75 -18.84
C SER A 243 -8.69 -17.83 -19.58
N GLY A 244 -8.25 -19.08 -19.47
CA GLY A 244 -8.93 -20.16 -20.18
C GLY A 244 -8.72 -19.97 -21.67
N ALA A 245 -9.79 -19.56 -22.37
CA ALA A 245 -9.71 -19.31 -23.80
C ALA A 245 -10.17 -17.88 -24.07
N THR A 246 -10.28 -17.09 -23.01
CA THR A 246 -10.76 -15.71 -23.11
C THR A 246 -9.61 -14.71 -23.08
N HIS A 247 -9.41 -14.04 -24.21
CA HIS A 247 -8.32 -13.09 -24.37
C HIS A 247 -8.57 -11.68 -23.82
N ASN A 248 -7.48 -10.93 -23.79
CA ASN A 248 -7.46 -9.54 -23.35
C ASN A 248 -7.81 -9.27 -21.88
N GLN A 249 -7.42 -10.18 -20.99
CA GLN A 249 -7.65 -9.97 -19.56
C GLN A 249 -6.56 -8.99 -19.16
N LEU A 250 -6.94 -7.87 -18.56
CA LEU A 250 -5.98 -6.82 -18.19
C LEU A 250 -5.71 -6.66 -16.69
N PHE A 251 -4.44 -6.72 -16.31
CA PHE A 251 -4.01 -6.61 -14.91
C PHE A 251 -2.93 -5.54 -14.74
N ARG A 252 -2.98 -4.81 -13.62
CA ARG A 252 -1.97 -3.79 -13.34
C ARG A 252 -1.73 -3.60 -11.85
N PHE A 253 -0.46 -3.66 -11.46
CA PHE A 253 -0.08 -3.47 -10.07
C PHE A 253 0.99 -2.39 -10.01
N GLU A 254 0.82 -1.43 -9.12
CA GLU A 254 1.79 -0.36 -8.97
C GLU A 254 1.98 0.06 -7.52
N MET A 255 3.21 0.43 -7.19
CA MET A 255 3.50 0.97 -5.87
C MET A 255 4.57 2.04 -5.96
N ARG A 256 4.47 2.99 -5.05
CA ARG A 256 5.41 4.10 -4.94
C ARG A 256 5.74 4.05 -3.46
N ILE A 257 6.95 3.57 -3.18
CA ILE A 257 7.34 3.35 -1.81
C ILE A 257 8.76 3.70 -1.44
N ASN A 258 9.03 3.68 -0.14
CA ASN A 258 10.37 3.91 0.37
C ASN A 258 10.97 2.52 0.22
N ASN A 259 12.02 2.41 -0.61
CA ASN A 259 12.65 1.13 -0.89
C ASN A 259 13.09 0.30 0.33
N PRO A 260 14.08 0.77 1.10
CA PRO A 260 14.53 -0.02 2.26
C PRO A 260 13.45 -0.23 3.34
N ALA A 261 12.53 0.72 3.49
CA ALA A 261 11.47 0.59 4.49
C ALA A 261 10.57 -0.61 4.16
N LEU A 262 10.17 -0.72 2.90
CA LEU A 262 9.32 -1.82 2.48
C LEU A 262 10.07 -3.16 2.58
N THR A 263 11.31 -3.17 2.12
CA THR A 263 12.11 -4.39 2.16
C THR A 263 12.22 -4.92 3.58
N ALA A 264 12.55 -4.04 4.53
CA ALA A 264 12.67 -4.44 5.92
C ALA A 264 11.35 -4.97 6.49
N GLN A 265 10.24 -4.35 6.13
CA GLN A 265 8.95 -4.81 6.63
C GLN A 265 8.60 -6.18 6.05
N VAL A 266 8.93 -6.41 4.79
CA VAL A 266 8.64 -7.70 4.19
C VAL A 266 9.52 -8.77 4.83
N MET A 267 10.77 -8.41 5.14
CA MET A 267 11.68 -9.36 5.78
C MET A 267 11.12 -9.77 7.15
N VAL A 268 10.54 -8.82 7.87
CA VAL A 268 9.94 -9.11 9.17
C VAL A 268 8.81 -10.12 8.98
N ALA A 269 7.92 -9.86 8.03
CA ALA A 269 6.79 -10.77 7.78
C ALA A 269 7.29 -12.16 7.37
N ALA A 270 8.36 -12.20 6.57
CA ALA A 270 8.93 -13.46 6.12
C ALA A 270 9.55 -14.26 7.28
N LEU A 271 10.13 -13.56 8.24
CA LEU A 271 10.75 -14.23 9.40
C LEU A 271 9.67 -14.84 10.26
N ARG A 272 8.54 -14.15 10.34
CA ARG A 272 7.38 -14.62 11.10
C ARG A 272 6.94 -15.95 10.45
N ALA A 273 6.93 -15.98 9.13
CA ALA A 273 6.53 -17.17 8.39
C ALA A 273 7.56 -18.30 8.54
N ALA A 274 8.84 -17.94 8.50
CA ALA A 274 9.91 -18.93 8.62
C ALA A 274 9.78 -19.71 9.91
N ALA A 275 9.51 -19.01 11.02
CA ALA A 275 9.37 -19.65 12.32
C ALA A 275 8.22 -20.66 12.33
N ARG A 276 7.34 -20.60 11.35
CA ARG A 276 6.21 -21.51 11.30
C ARG A 276 6.33 -22.64 10.29
N GLN A 277 7.47 -22.73 9.63
CA GLN A 277 7.68 -23.77 8.62
C GLN A 277 8.51 -24.97 9.10
N LYS A 278 8.42 -26.05 8.34
CA LYS A 278 9.19 -27.25 8.61
C LYS A 278 10.62 -26.84 8.24
N PRO A 279 11.63 -27.37 8.95
CA PRO A 279 13.02 -27.00 8.62
C PRO A 279 13.35 -27.15 7.15
N GLY A 280 14.01 -26.13 6.59
CA GLY A 280 14.38 -26.13 5.18
C GLY A 280 14.46 -24.70 4.67
N CYS A 281 14.67 -24.54 3.36
CA CYS A 281 14.78 -23.21 2.77
C CYS A 281 13.60 -22.97 1.81
N TYR A 282 13.06 -21.75 1.86
CA TYR A 282 11.89 -21.37 1.06
C TYR A 282 12.00 -20.00 0.38
N THR A 283 11.39 -19.85 -0.80
CA THR A 283 11.31 -18.55 -1.45
C THR A 283 9.89 -18.12 -1.04
N MET A 284 9.53 -16.86 -1.24
CA MET A 284 8.21 -16.39 -0.81
C MET A 284 6.97 -17.02 -1.45
N ILE A 285 7.13 -17.62 -2.63
CA ILE A 285 5.98 -18.24 -3.28
C ILE A 285 5.74 -19.68 -2.80
N GLU A 286 6.55 -20.13 -1.86
CA GLU A 286 6.41 -21.48 -1.32
C GLU A 286 5.78 -21.48 0.07
N ILE A 287 5.23 -20.34 0.45
CA ILE A 287 4.63 -20.16 1.78
C ILE A 287 3.20 -19.64 1.70
N PRO A 288 2.24 -20.29 2.38
CA PRO A 288 0.88 -19.74 2.29
C PRO A 288 0.93 -18.30 2.79
N VAL A 289 0.27 -17.40 2.09
CA VAL A 289 0.31 -15.98 2.45
C VAL A 289 -0.16 -15.67 3.86
N ILE A 290 -1.06 -16.48 4.40
CA ILE A 290 -1.56 -16.24 5.75
C ILE A 290 -0.46 -16.43 6.81
N ASP A 291 0.62 -17.13 6.46
CA ASP A 291 1.70 -17.34 7.41
C ASP A 291 2.54 -16.08 7.62
N TYR A 292 2.37 -15.10 6.72
CA TYR A 292 3.08 -13.83 6.82
C TYR A 292 2.33 -12.88 7.76
N LEU A 293 1.13 -13.29 8.18
CA LEU A 293 0.30 -12.47 9.06
C LEU A 293 0.40 -12.91 10.52
N PRO A 294 0.50 -11.95 11.46
CA PRO A 294 0.62 -12.25 12.89
C PRO A 294 -0.62 -12.85 13.57
N GLY A 295 -0.39 -13.83 14.43
CA GLY A 295 -1.48 -14.43 15.17
C GLY A 295 -2.35 -15.46 14.46
N ASP A 296 -3.45 -15.77 15.12
CA ASP A 296 -4.47 -16.73 14.68
C ASP A 296 -4.94 -16.56 13.25
N ARG A 297 -5.11 -17.69 12.56
CA ARG A 297 -5.56 -17.69 11.16
C ARG A 297 -7.01 -17.26 10.97
N GLU A 298 -7.89 -17.79 11.83
CA GLU A 298 -9.32 -17.50 11.76
C GLU A 298 -9.63 -16.02 11.56
N ALA A 299 -9.11 -15.18 12.45
CA ALA A 299 -9.35 -13.74 12.36
C ALA A 299 -8.97 -13.16 11.01
N TRP A 300 -7.83 -13.58 10.47
CA TRP A 300 -7.40 -13.06 9.17
C TRP A 300 -8.29 -13.50 8.02
N ILE A 301 -8.76 -14.74 8.08
CA ILE A 301 -9.63 -15.25 7.03
C ILE A 301 -10.91 -14.40 6.97
N ARG A 302 -11.53 -14.16 8.12
CA ARG A 302 -12.75 -13.36 8.17
C ARG A 302 -12.52 -11.91 7.75
N LYS A 303 -11.35 -11.37 8.08
CA LYS A 303 -11.05 -9.99 7.73
C LYS A 303 -10.65 -9.75 6.28
N LEU A 304 -9.89 -10.69 5.71
CA LEU A 304 -9.37 -10.51 4.35
C LEU A 304 -9.95 -11.29 3.16
N VAL A 305 -10.43 -12.51 3.38
CA VAL A 305 -10.95 -13.28 2.25
C VAL A 305 -12.28 -12.82 1.68
N LYS B 9 25.71 30.23 10.59
CA LYS B 9 24.43 29.46 10.57
C LYS B 9 23.42 30.03 11.55
N LEU B 10 22.14 29.97 11.20
CA LEU B 10 21.07 30.48 12.06
C LEU B 10 20.84 29.51 13.22
N ARG B 11 20.86 30.03 14.44
CA ARG B 11 20.65 29.19 15.63
C ARG B 11 19.14 29.07 15.85
N VAL B 12 18.65 27.84 15.75
CA VAL B 12 17.22 27.56 15.86
C VAL B 12 16.78 26.60 16.96
N ALA B 13 15.56 26.80 17.46
CA ALA B 13 14.99 25.95 18.49
C ALA B 13 13.66 25.39 18.00
N VAL B 14 13.39 24.13 18.33
CA VAL B 14 12.12 23.50 17.97
C VAL B 14 11.24 23.58 19.21
N VAL B 15 10.08 24.22 19.08
CA VAL B 15 9.18 24.37 20.21
C VAL B 15 7.97 23.48 20.04
N GLY B 16 7.88 22.46 20.89
CA GLY B 16 6.77 21.51 20.82
C GLY B 16 7.22 20.25 20.12
N TYR B 17 7.52 19.21 20.89
CA TYR B 17 7.98 17.96 20.31
C TYR B 17 6.84 16.99 20.06
N GLY B 18 5.94 17.35 19.15
CA GLY B 18 4.82 16.50 18.79
C GLY B 18 5.10 15.91 17.43
N ASN B 19 4.05 15.66 16.63
CA ASN B 19 4.22 15.10 15.30
C ASN B 19 5.11 15.96 14.42
N VAL B 20 4.71 17.21 14.19
CA VAL B 20 5.49 18.11 13.36
C VAL B 20 6.85 18.39 14.00
N GLY B 21 6.86 18.57 15.32
CA GLY B 21 8.10 18.83 16.02
C GLY B 21 9.16 17.77 15.81
N ARG B 22 8.75 16.51 15.82
CA ARG B 22 9.70 15.41 15.62
C ARG B 22 10.35 15.49 14.25
N TYR B 23 9.59 15.91 13.25
CA TYR B 23 10.11 16.05 11.90
C TYR B 23 10.94 17.33 11.76
N ALA B 24 10.53 18.37 12.49
CA ALA B 24 11.26 19.65 12.46
C ALA B 24 12.67 19.46 12.98
N LEU B 25 12.82 18.59 13.97
CA LEU B 25 14.14 18.29 14.53
C LEU B 25 15.02 17.81 13.38
N GLU B 26 14.50 16.87 12.61
CA GLU B 26 15.21 16.30 11.47
C GLU B 26 15.45 17.32 10.36
N ALA B 27 14.45 18.16 10.07
CA ALA B 27 14.59 19.16 9.02
C ALA B 27 15.67 20.18 9.37
N VAL B 28 15.73 20.58 10.63
CA VAL B 28 16.76 21.53 11.05
C VAL B 28 18.15 20.89 10.98
N GLN B 29 18.27 19.67 11.47
CA GLN B 29 19.55 18.97 11.44
C GLN B 29 20.06 18.80 10.02
N ALA B 30 19.14 18.65 9.06
CA ALA B 30 19.53 18.47 7.66
C ALA B 30 19.80 19.79 6.93
N ALA B 31 19.30 20.90 7.47
CA ALA B 31 19.51 22.21 6.85
C ALA B 31 20.99 22.59 6.89
N PRO B 32 21.56 23.00 5.75
CA PRO B 32 22.98 23.37 5.70
C PRO B 32 23.33 24.73 6.30
N ASP B 33 22.32 25.55 6.53
CA ASP B 33 22.52 26.89 7.07
C ASP B 33 21.93 27.11 8.45
N MET B 34 21.60 26.03 9.15
CA MET B 34 21.05 26.14 10.49
C MET B 34 21.73 25.23 11.49
N GLU B 35 21.61 25.60 12.75
CA GLU B 35 22.18 24.84 13.86
C GLU B 35 21.07 24.65 14.89
N LEU B 36 20.79 23.41 15.25
CA LEU B 36 19.76 23.12 16.24
C LEU B 36 20.32 23.36 17.63
N VAL B 37 19.83 24.39 18.31
CA VAL B 37 20.32 24.70 19.64
C VAL B 37 19.65 23.77 20.66
N GLY B 38 18.38 23.47 20.43
CA GLY B 38 17.67 22.59 21.34
C GLY B 38 16.18 22.50 21.08
N VAL B 39 15.49 21.80 21.97
CA VAL B 39 14.05 21.60 21.87
C VAL B 39 13.41 22.10 23.16
N VAL B 40 12.28 22.77 23.04
CA VAL B 40 11.55 23.31 24.18
C VAL B 40 10.25 22.54 24.37
N ARG B 41 10.11 21.89 25.53
CA ARG B 41 8.92 21.10 25.82
C ARG B 41 8.25 21.59 27.10
N ARG B 42 6.98 21.23 27.30
CA ARG B 42 6.26 21.66 28.50
C ARG B 42 6.85 20.99 29.72
N LYS B 43 7.33 19.76 29.54
CA LYS B 43 7.96 19.01 30.62
C LYS B 43 9.07 18.14 30.07
N VAL B 44 10.07 17.85 30.89
CA VAL B 44 11.18 17.00 30.48
C VAL B 44 11.32 15.88 31.50
N LEU B 45 10.91 14.68 31.11
CA LEU B 45 10.99 13.53 32.01
C LEU B 45 12.40 12.94 32.04
N ALA B 46 12.67 12.13 33.06
CA ALA B 46 13.97 11.50 33.24
C ALA B 46 14.28 10.56 32.09
N ALA B 47 13.26 9.88 31.59
CA ALA B 47 13.45 8.95 30.47
C ALA B 47 13.56 9.75 29.18
N THR B 48 14.78 9.81 28.63
CA THR B 48 15.04 10.56 27.42
C THR B 48 14.73 9.78 26.15
N PRO B 49 13.93 10.34 25.23
CA PRO B 49 13.63 9.64 23.98
C PRO B 49 14.97 9.36 23.28
N PRO B 50 15.16 8.15 22.74
CA PRO B 50 16.41 7.81 22.07
C PRO B 50 16.99 8.88 21.14
N GLU B 51 16.18 9.36 20.20
CA GLU B 51 16.65 10.36 19.24
C GLU B 51 17.03 11.71 19.83
N LEU B 52 16.66 11.97 21.08
CA LEU B 52 16.98 13.25 21.73
C LEU B 52 18.19 13.10 22.68
N THR B 53 18.78 11.91 22.70
CA THR B 53 19.92 11.65 23.57
C THR B 53 21.02 12.72 23.55
N GLY B 54 21.40 13.17 22.36
CA GLY B 54 22.43 14.19 22.29
C GLY B 54 21.89 15.56 21.99
N VAL B 55 20.65 15.81 22.40
CA VAL B 55 20.00 17.09 22.16
C VAL B 55 19.61 17.78 23.47
N ARG B 56 19.78 19.10 23.50
CA ARG B 56 19.43 19.89 24.67
C ARG B 56 17.93 20.08 24.68
N VAL B 57 17.28 19.63 25.75
CA VAL B 57 15.83 19.73 25.89
C VAL B 57 15.49 20.45 27.19
N VAL B 58 14.77 21.56 27.08
CA VAL B 58 14.39 22.36 28.25
C VAL B 58 12.94 22.83 28.19
N THR B 59 12.49 23.48 29.25
CA THR B 59 11.10 23.99 29.33
C THR B 59 10.99 25.48 29.07
N ASP B 60 12.13 26.17 28.96
CA ASP B 60 12.17 27.61 28.73
C ASP B 60 13.21 27.94 27.67
N ILE B 61 12.79 28.56 26.57
CA ILE B 61 13.71 28.88 25.49
C ILE B 61 14.92 29.70 25.93
N SER B 62 14.80 30.36 27.07
CA SER B 62 15.92 31.16 27.60
C SER B 62 17.13 30.29 27.92
N GLN B 63 16.91 29.00 28.14
CA GLN B 63 18.00 28.06 28.45
C GLN B 63 18.77 27.62 27.21
N LEU B 64 18.29 28.02 26.03
CA LEU B 64 18.96 27.67 24.79
C LEU B 64 19.75 28.90 24.36
N GLU B 65 21.07 28.80 24.52
CA GLU B 65 21.98 29.89 24.21
C GLU B 65 21.99 30.42 22.78
N GLY B 66 21.84 31.74 22.68
CA GLY B 66 21.86 32.42 21.40
C GLY B 66 20.82 32.06 20.36
N VAL B 67 19.65 31.61 20.79
CA VAL B 67 18.60 31.25 19.83
C VAL B 67 18.17 32.49 19.05
N GLN B 68 18.11 32.35 17.74
CA GLN B 68 17.74 33.44 16.85
C GLN B 68 16.38 33.21 16.19
N GLY B 69 15.99 31.94 16.06
CA GLY B 69 14.73 31.60 15.44
C GLY B 69 14.06 30.43 16.12
N ALA B 70 12.72 30.43 16.11
CA ALA B 70 11.96 29.37 16.73
C ALA B 70 10.90 28.79 15.80
N LEU B 71 10.82 27.46 15.78
CA LEU B 71 9.82 26.77 14.97
C LEU B 71 8.70 26.42 15.96
N LEU B 72 7.57 27.08 15.82
CA LEU B 72 6.44 26.85 16.72
C LEU B 72 5.59 25.67 16.28
N CYS B 73 5.97 24.49 16.74
CA CYS B 73 5.27 23.27 16.41
C CYS B 73 4.24 22.92 17.48
N VAL B 74 3.45 23.92 17.87
CA VAL B 74 2.43 23.75 18.89
C VAL B 74 1.03 23.71 18.28
N PRO B 75 0.01 23.36 19.08
CA PRO B 75 -1.36 23.31 18.56
C PRO B 75 -1.80 24.66 18.00
N THR B 76 -2.68 24.62 17.01
CA THR B 76 -3.20 25.82 16.36
C THR B 76 -3.59 26.94 17.32
N ARG B 77 -4.40 26.63 18.32
CA ARG B 77 -4.86 27.66 19.24
C ARG B 77 -3.77 28.20 20.16
N SER B 78 -2.63 27.52 20.22
CA SER B 78 -1.53 27.97 21.08
C SER B 78 -0.56 28.89 20.34
N VAL B 79 -0.60 28.87 19.02
CA VAL B 79 0.30 29.68 18.21
C VAL B 79 0.34 31.18 18.54
N PRO B 80 -0.83 31.83 18.66
CA PRO B 80 -0.80 33.26 18.98
C PRO B 80 0.04 33.65 20.19
N GLU B 81 -0.22 33.03 21.33
CA GLU B 81 0.53 33.34 22.55
C GLU B 81 1.99 32.92 22.46
N TYR B 82 2.27 31.83 21.77
CA TYR B 82 3.66 31.39 21.64
C TYR B 82 4.45 32.34 20.76
N ALA B 83 3.84 32.78 19.67
CA ALA B 83 4.51 33.70 18.76
C ALA B 83 4.80 35.03 19.45
N GLU B 84 3.84 35.55 20.21
CA GLU B 84 4.06 36.81 20.91
C GLU B 84 5.12 36.66 21.97
N ALA B 85 5.16 35.51 22.62
CA ALA B 85 6.15 35.25 23.66
C ALA B 85 7.57 35.25 23.07
N MET B 86 7.73 34.57 21.93
CA MET B 86 9.04 34.51 21.29
C MET B 86 9.47 35.84 20.68
N LEU B 87 8.57 36.48 19.95
CA LEU B 87 8.87 37.76 19.32
C LEU B 87 9.28 38.82 20.34
N ARG B 88 8.62 38.82 21.50
CA ARG B 88 8.96 39.80 22.54
C ARG B 88 10.34 39.55 23.13
N ARG B 89 10.96 38.45 22.71
CA ARG B 89 12.30 38.11 23.14
C ARG B 89 13.26 38.37 21.98
N GLY B 90 12.75 38.95 20.91
CA GLY B 90 13.56 39.25 19.74
C GLY B 90 13.89 38.04 18.88
N ILE B 91 13.14 36.96 19.08
CA ILE B 91 13.36 35.72 18.35
C ILE B 91 12.43 35.60 17.14
N HIS B 92 13.00 35.39 15.95
CA HIS B 92 12.18 35.23 14.74
C HIS B 92 11.30 34.00 14.96
N THR B 93 10.11 33.99 14.37
CA THR B 93 9.23 32.86 14.56
C THR B 93 8.51 32.39 13.30
N VAL B 94 8.25 31.08 13.25
CA VAL B 94 7.53 30.49 12.14
C VAL B 94 6.54 29.51 12.72
N ASP B 95 5.35 29.46 12.13
CA ASP B 95 4.30 28.56 12.57
C ASP B 95 3.53 28.15 11.32
N SER B 96 2.72 27.10 11.44
CA SER B 96 1.91 26.65 10.31
C SER B 96 0.42 26.77 10.66
N TYR B 97 0.09 27.82 11.42
CA TYR B 97 -1.29 28.12 11.86
C TYR B 97 -2.22 27.80 10.67
N ASP B 98 -3.15 26.87 10.87
CA ASP B 98 -4.01 26.43 9.78
C ASP B 98 -5.45 26.92 9.62
N ILE B 99 -5.83 27.99 10.31
CA ILE B 99 -7.19 28.49 10.18
C ILE B 99 -7.26 29.57 9.08
N HIS B 100 -7.75 29.19 7.91
CA HIS B 100 -7.85 30.10 6.78
C HIS B 100 -8.70 31.35 7.03
N GLY B 101 -9.71 31.23 7.89
CA GLY B 101 -10.57 32.37 8.16
C GLY B 101 -10.05 33.39 9.15
N ASP B 102 -9.06 33.00 9.95
CA ASP B 102 -8.47 33.86 10.97
C ASP B 102 -7.06 34.33 10.61
N LEU B 103 -6.41 33.58 9.74
CA LEU B 103 -5.04 33.88 9.29
C LEU B 103 -4.71 35.35 9.15
N ALA B 104 -5.48 36.05 8.33
CA ALA B 104 -5.26 37.46 8.07
C ALA B 104 -5.23 38.30 9.34
N ASP B 105 -6.10 37.97 10.30
CA ASP B 105 -6.15 38.72 11.55
C ASP B 105 -4.94 38.42 12.42
N LEU B 106 -4.43 37.19 12.36
CA LEU B 106 -3.25 36.83 13.14
C LEU B 106 -2.08 37.66 12.62
N ARG B 107 -2.02 37.83 11.31
CA ARG B 107 -0.97 38.61 10.66
C ARG B 107 -0.98 40.04 11.20
N ARG B 108 -2.17 40.63 11.26
CA ARG B 108 -2.32 42.00 11.74
C ARG B 108 -1.92 42.11 13.21
N ARG B 109 -2.24 41.09 13.99
CA ARG B 109 -1.93 41.08 15.41
C ARG B 109 -0.44 40.95 15.71
N LEU B 110 0.24 40.06 14.99
CA LEU B 110 1.67 39.84 15.22
C LEU B 110 2.60 40.86 14.58
N ASP B 111 2.13 41.54 13.53
CA ASP B 111 2.97 42.51 12.84
C ASP B 111 3.63 43.57 13.73
N PRO B 112 2.83 44.28 14.56
CA PRO B 112 3.45 45.31 15.43
C PRO B 112 4.31 44.71 16.55
N VAL B 113 3.96 43.51 16.99
CA VAL B 113 4.72 42.86 18.06
C VAL B 113 6.10 42.49 17.51
N ALA B 114 6.12 41.94 16.31
CA ALA B 114 7.37 41.55 15.66
C ALA B 114 8.22 42.78 15.41
N ARG B 115 7.60 43.78 14.79
CA ARG B 115 8.32 45.02 14.47
C ARG B 115 8.94 45.73 15.68
N GLU B 116 8.16 45.91 16.73
CA GLU B 116 8.65 46.62 17.90
C GLU B 116 9.74 45.88 18.67
N HIS B 117 9.94 44.61 18.34
CA HIS B 117 10.99 43.85 19.01
C HIS B 117 12.08 43.42 18.03
N GLY B 118 12.10 44.05 16.87
CA GLY B 118 13.11 43.79 15.85
C GLY B 118 13.18 42.38 15.31
N ALA B 119 12.05 41.69 15.26
CA ALA B 119 12.03 40.33 14.75
C ALA B 119 11.02 40.16 13.62
N ALA B 120 11.12 39.03 12.93
CA ALA B 120 10.22 38.73 11.83
C ALA B 120 9.48 37.45 12.12
N ALA B 121 8.21 37.43 11.73
CA ALA B 121 7.36 36.28 11.93
C ALA B 121 6.71 35.89 10.61
N VAL B 122 6.77 34.61 10.28
CA VAL B 122 6.15 34.11 9.07
C VAL B 122 5.10 33.13 9.59
N ILE B 123 3.84 33.43 9.35
CA ILE B 123 2.76 32.59 9.83
C ILE B 123 2.19 31.68 8.75
N SER B 124 1.46 30.66 9.17
CA SER B 124 0.80 29.71 8.28
C SER B 124 1.73 29.18 7.19
N ALA B 125 2.91 28.72 7.60
CA ALA B 125 3.89 28.20 6.66
C ALA B 125 4.00 26.67 6.63
N GLY B 126 2.92 26.01 6.25
CA GLY B 126 2.91 24.55 6.13
C GLY B 126 2.64 24.33 4.65
N TRP B 127 1.92 23.29 4.26
CA TRP B 127 1.62 23.14 2.84
C TRP B 127 0.24 23.70 2.49
N ASP B 128 -0.64 23.81 3.49
CA ASP B 128 -1.95 24.41 3.26
C ASP B 128 -2.64 24.72 4.58
N PRO B 129 -2.62 25.99 4.99
CA PRO B 129 -1.99 27.12 4.30
C PRO B 129 -0.47 27.01 4.22
N GLY B 130 0.10 27.67 3.22
CA GLY B 130 1.54 27.65 3.04
C GLY B 130 1.92 27.57 1.57
N THR B 131 2.61 26.50 1.21
CA THR B 131 3.02 26.33 -0.18
C THR B 131 1.84 26.24 -1.14
N ASP B 132 0.74 25.62 -0.72
CA ASP B 132 -0.42 25.53 -1.61
C ASP B 132 -0.91 26.94 -1.91
N SER B 133 -0.75 27.83 -0.93
CA SER B 133 -1.18 29.23 -1.06
C SER B 133 -0.43 29.92 -2.19
N ILE B 134 0.88 29.66 -2.26
CA ILE B 134 1.69 30.26 -3.32
C ILE B 134 1.19 29.73 -4.66
N ILE B 135 0.99 28.42 -4.75
CA ILE B 135 0.51 27.83 -6.00
C ILE B 135 -0.84 28.43 -6.40
N ARG B 136 -1.74 28.62 -5.45
CA ARG B 136 -3.04 29.21 -5.77
C ARG B 136 -2.84 30.63 -6.31
N ALA B 137 -1.89 31.36 -5.74
CA ALA B 137 -1.63 32.73 -6.19
C ALA B 137 -1.09 32.71 -7.63
N LEU B 138 -0.22 31.75 -7.94
CA LEU B 138 0.35 31.64 -9.28
C LEU B 138 -0.77 31.38 -10.31
N LEU B 139 -1.60 30.38 -10.03
CA LEU B 139 -2.69 30.04 -10.93
C LEU B 139 -3.61 31.23 -11.14
N GLU B 140 -3.79 32.01 -10.08
CA GLU B 140 -4.66 33.17 -10.13
C GLU B 140 -4.18 34.25 -11.09
N PHE B 141 -2.87 34.52 -11.15
CA PHE B 141 -2.43 35.56 -12.07
C PHE B 141 -2.08 35.02 -13.47
N MET B 142 -1.90 33.72 -13.57
CA MET B 142 -1.62 33.10 -14.87
C MET B 142 -2.92 33.04 -15.68
N ALA B 143 -4.05 32.92 -14.99
CA ALA B 143 -5.37 32.86 -15.62
C ALA B 143 -6.38 33.50 -14.67
N PRO B 144 -6.41 34.85 -14.63
CA PRO B 144 -7.28 35.68 -13.79
C PRO B 144 -8.76 35.33 -13.70
N LYS B 145 -9.31 34.75 -14.76
CA LYS B 145 -10.73 34.39 -14.76
C LYS B 145 -10.90 32.88 -14.79
N GLY B 146 -11.71 32.37 -13.85
CA GLY B 146 -11.93 30.94 -13.76
C GLY B 146 -12.06 30.54 -12.31
N ILE B 147 -11.98 29.23 -12.05
CA ILE B 147 -12.12 28.72 -10.70
C ILE B 147 -11.04 27.70 -10.33
N THR B 148 -10.44 27.87 -9.17
CA THR B 148 -9.42 26.94 -8.70
C THR B 148 -10.05 26.02 -7.67
N TYR B 149 -9.83 24.72 -7.82
CA TYR B 149 -10.37 23.74 -6.89
C TYR B 149 -9.22 23.07 -6.14
N THR B 150 -9.32 23.02 -4.81
CA THR B 150 -8.31 22.39 -3.98
C THR B 150 -8.96 21.14 -3.37
N ASN B 151 -8.50 19.97 -3.80
CA ASN B 151 -9.03 18.70 -3.32
C ASN B 151 -8.03 17.98 -2.41
N PHE B 152 -8.39 17.81 -1.14
CA PHE B 152 -7.53 17.19 -0.14
C PHE B 152 -7.78 15.70 0.08
N GLY B 153 -6.71 14.98 0.40
CA GLY B 153 -6.81 13.57 0.71
C GLY B 153 -6.57 12.55 -0.40
N PRO B 154 -6.71 11.25 -0.08
CA PRO B 154 -7.09 10.80 1.27
C PRO B 154 -6.01 11.04 2.32
N GLY B 155 -6.45 11.33 3.54
CA GLY B 155 -5.53 11.59 4.64
C GLY B 155 -6.32 11.86 5.91
N MET B 156 -5.66 11.75 7.06
CA MET B 156 -6.33 11.97 8.34
C MET B 156 -6.61 13.44 8.64
N SER B 157 -7.75 13.69 9.26
CA SER B 157 -8.13 15.06 9.62
C SER B 157 -7.86 15.39 11.07
N MET B 158 -7.25 16.55 11.26
CA MET B 158 -6.89 17.09 12.57
C MET B 158 -8.04 17.12 13.57
N GLY B 159 -8.76 18.24 13.60
CA GLY B 159 -9.87 18.41 14.51
C GLY B 159 -10.96 17.37 14.41
N HIS B 160 -11.31 17.00 13.18
CA HIS B 160 -12.35 16.00 12.96
C HIS B 160 -12.18 14.75 13.82
N SER B 161 -10.94 14.28 13.96
CA SER B 161 -10.68 13.10 14.76
C SER B 161 -10.91 13.37 16.25
N VAL B 162 -10.38 14.49 16.73
CA VAL B 162 -10.54 14.85 18.14
C VAL B 162 -12.01 15.11 18.44
N ALA B 163 -12.72 15.70 17.48
CA ALA B 163 -14.12 16.02 17.63
C ALA B 163 -14.96 14.75 17.83
N VAL B 164 -14.58 13.67 17.17
CA VAL B 164 -15.30 12.41 17.29
C VAL B 164 -15.01 11.77 18.64
N LYS B 165 -13.77 11.88 19.10
CA LYS B 165 -13.38 11.30 20.39
C LYS B 165 -14.03 12.09 21.52
N ALA B 166 -14.62 13.23 21.17
CA ALA B 166 -15.28 14.08 22.15
C ALA B 166 -16.59 13.49 22.65
N ILE B 167 -17.25 12.69 21.82
CA ILE B 167 -18.50 12.07 22.21
C ILE B 167 -18.22 10.99 23.26
N PRO B 168 -19.12 10.85 24.26
CA PRO B 168 -19.01 9.88 25.35
C PRO B 168 -18.72 8.42 25.00
N GLY B 169 -19.55 7.83 24.15
CA GLY B 169 -19.35 6.44 23.79
C GLY B 169 -18.19 6.09 22.87
N VAL B 170 -17.23 6.99 22.70
CA VAL B 170 -16.09 6.73 21.83
C VAL B 170 -14.76 6.67 22.56
N ARG B 171 -14.08 5.53 22.47
CA ARG B 171 -12.78 5.35 23.11
C ARG B 171 -11.68 6.01 22.29
N ASP B 172 -11.70 5.76 20.98
CA ASP B 172 -10.72 6.34 20.08
C ASP B 172 -11.33 6.43 18.68
N ALA B 173 -10.89 7.40 17.89
CA ALA B 173 -11.44 7.56 16.55
C ALA B 173 -10.46 8.12 15.53
N LEU B 174 -10.79 7.91 14.27
CA LEU B 174 -9.97 8.37 13.15
C LEU B 174 -10.90 8.90 12.07
N SER B 175 -10.68 10.15 11.66
CA SER B 175 -11.50 10.77 10.64
C SER B 175 -10.68 10.99 9.37
N MET B 176 -11.06 10.30 8.30
CA MET B 176 -10.36 10.43 7.01
C MET B 176 -11.03 11.48 6.14
N THR B 177 -10.21 12.32 5.51
CA THR B 177 -10.73 13.35 4.61
C THR B 177 -10.66 12.73 3.22
N ILE B 178 -11.82 12.65 2.56
CA ILE B 178 -11.90 12.06 1.23
C ILE B 178 -12.31 13.07 0.18
N PRO B 179 -11.51 13.21 -0.91
CA PRO B 179 -11.86 14.17 -1.96
C PRO B 179 -13.04 13.65 -2.79
N ALA B 180 -14.10 14.44 -2.86
CA ALA B 180 -15.28 14.06 -3.63
C ALA B 180 -15.22 14.72 -5.00
N GLY B 181 -14.28 15.65 -5.17
CA GLY B 181 -14.12 16.34 -6.42
C GLY B 181 -14.67 17.76 -6.36
N MET B 182 -14.17 18.62 -7.24
CA MET B 182 -14.61 20.02 -7.29
C MET B 182 -14.61 20.74 -5.94
N GLY B 183 -13.58 20.48 -5.15
CA GLY B 183 -13.47 21.14 -3.87
C GLY B 183 -14.40 20.66 -2.77
N VAL B 184 -15.16 19.60 -3.04
CA VAL B 184 -16.07 19.03 -2.06
C VAL B 184 -15.38 17.84 -1.38
N HIS B 185 -15.57 17.71 -0.08
CA HIS B 185 -14.94 16.61 0.65
C HIS B 185 -15.91 15.73 1.44
N LYS B 186 -15.59 14.45 1.50
CA LYS B 186 -16.39 13.46 2.21
C LYS B 186 -15.61 13.03 3.45
N ARG B 187 -16.32 12.45 4.42
CA ARG B 187 -15.69 12.01 5.66
C ARG B 187 -15.89 10.52 5.89
N ALA B 188 -14.81 9.83 6.20
CA ALA B 188 -14.86 8.41 6.49
C ALA B 188 -14.34 8.30 7.92
N VAL B 189 -15.25 8.05 8.86
CA VAL B 189 -14.89 7.96 10.26
C VAL B 189 -14.77 6.52 10.74
N TYR B 190 -13.75 6.27 11.56
CA TYR B 190 -13.53 4.94 12.12
C TYR B 190 -13.49 5.10 13.62
N VAL B 191 -14.36 4.37 14.31
CA VAL B 191 -14.44 4.48 15.75
C VAL B 191 -14.25 3.17 16.52
N GLU B 192 -13.61 3.30 17.68
CA GLU B 192 -13.36 2.18 18.58
C GLU B 192 -14.22 2.52 19.79
N LEU B 193 -15.34 1.81 19.96
CA LEU B 193 -16.26 2.08 21.05
C LEU B 193 -15.89 1.57 22.44
N GLU B 194 -16.37 2.30 23.44
CA GLU B 194 -16.14 1.96 24.84
C GLU B 194 -17.08 0.80 25.18
N PRO B 195 -16.65 -0.09 26.08
CA PRO B 195 -17.48 -1.23 26.47
C PRO B 195 -18.90 -0.82 26.88
N GLY B 196 -19.89 -1.19 26.07
CA GLY B 196 -21.27 -0.86 26.38
C GLY B 196 -21.89 0.24 25.54
N ALA B 197 -21.07 1.02 24.85
CA ALA B 197 -21.58 2.10 24.02
C ALA B 197 -22.33 1.57 22.80
N ASP B 198 -23.44 2.23 22.44
CA ASP B 198 -24.24 1.82 21.30
C ASP B 198 -23.72 2.49 20.02
N PHE B 199 -23.44 1.67 19.00
CA PHE B 199 -22.93 2.19 17.74
C PHE B 199 -23.90 3.12 17.02
N ALA B 200 -25.18 2.74 17.01
CA ALA B 200 -26.21 3.53 16.36
C ALA B 200 -26.22 4.96 16.89
N GLU B 201 -26.13 5.11 18.20
CA GLU B 201 -26.14 6.42 18.85
C GLU B 201 -24.91 7.22 18.42
N VAL B 202 -23.75 6.57 18.48
CA VAL B 202 -22.51 7.22 18.11
C VAL B 202 -22.57 7.65 16.64
N GLU B 203 -22.98 6.73 15.78
CA GLU B 203 -23.08 7.02 14.35
C GLU B 203 -23.94 8.26 14.11
N ARG B 204 -25.04 8.36 14.85
CA ARG B 204 -25.95 9.50 14.74
C ARG B 204 -25.29 10.78 15.24
N ALA B 205 -24.67 10.71 16.41
CA ALA B 205 -24.00 11.87 17.00
C ALA B 205 -22.95 12.44 16.06
N ILE B 206 -22.21 11.54 15.39
CA ILE B 206 -21.16 11.94 14.47
C ILE B 206 -21.71 12.70 13.27
N LYS B 207 -22.61 12.06 12.54
CA LYS B 207 -23.22 12.67 11.36
C LYS B 207 -23.95 13.97 11.69
N THR B 208 -24.36 14.11 12.94
CA THR B 208 -25.07 15.30 13.38
C THR B 208 -24.15 16.45 13.77
N ASP B 209 -23.00 16.10 14.37
CA ASP B 209 -22.03 17.10 14.79
C ASP B 209 -21.77 18.12 13.67
N PRO B 210 -21.65 19.40 14.04
CA PRO B 210 -21.41 20.48 13.06
C PRO B 210 -20.12 20.30 12.25
N TYR B 211 -19.31 19.31 12.62
CA TYR B 211 -18.07 19.03 11.92
C TYR B 211 -18.31 18.17 10.68
N PHE B 212 -19.40 17.41 10.69
CA PHE B 212 -19.72 16.53 9.58
C PHE B 212 -21.12 16.79 9.01
N VAL B 213 -21.93 17.52 9.78
CA VAL B 213 -23.31 17.82 9.37
C VAL B 213 -23.47 18.30 7.93
N ARG B 214 -22.51 19.04 7.40
CA ARG B 214 -22.61 19.53 6.03
C ARG B 214 -21.77 18.78 5.01
N ASP B 215 -21.28 17.60 5.39
CA ASP B 215 -20.47 16.79 4.49
C ASP B 215 -20.93 15.34 4.54
N GLU B 216 -20.87 14.66 3.41
CA GLU B 216 -21.25 13.26 3.34
C GLU B 216 -20.35 12.54 4.33
N THR B 217 -20.94 11.93 5.35
CA THR B 217 -20.17 11.23 6.37
C THR B 217 -20.61 9.78 6.54
N ARG B 218 -19.62 8.90 6.66
CA ARG B 218 -19.86 7.48 6.84
C ARG B 218 -19.08 7.02 8.06
N VAL B 219 -19.70 6.16 8.87
CA VAL B 219 -19.04 5.67 10.07
C VAL B 219 -18.87 4.16 10.06
N THR B 220 -17.76 3.70 10.61
CA THR B 220 -17.46 2.27 10.69
C THR B 220 -16.87 1.97 12.06
N GLN B 221 -17.35 0.93 12.71
CA GLN B 221 -16.82 0.56 14.02
C GLN B 221 -15.64 -0.37 13.78
N VAL B 222 -14.54 -0.12 14.47
CA VAL B 222 -13.35 -0.92 14.28
C VAL B 222 -12.76 -1.46 15.59
N GLU B 223 -12.03 -2.55 15.48
CA GLU B 223 -11.39 -3.19 16.62
C GLU B 223 -10.28 -2.30 17.15
N SER B 224 -9.45 -1.78 16.24
CA SER B 224 -8.34 -0.91 16.62
C SER B 224 -8.15 0.27 15.68
N VAL B 225 -8.22 1.48 16.23
CA VAL B 225 -8.05 2.70 15.44
C VAL B 225 -6.56 2.90 15.10
N SER B 226 -5.70 2.58 16.06
CA SER B 226 -4.26 2.74 15.88
C SER B 226 -3.74 1.94 14.69
N ALA B 227 -4.36 0.81 14.43
CA ALA B 227 -3.96 -0.05 13.32
C ALA B 227 -4.30 0.56 11.96
N LEU B 228 -5.06 1.65 11.96
CA LEU B 228 -5.47 2.31 10.72
C LEU B 228 -4.77 3.63 10.46
N MET B 229 -3.95 4.06 11.42
CA MET B 229 -3.25 5.34 11.33
C MET B 229 -2.08 5.43 10.36
N ASP B 230 -2.12 6.44 9.51
CA ASP B 230 -1.04 6.71 8.55
C ASP B 230 -1.05 8.21 8.30
N VAL B 231 0.11 8.84 8.44
CA VAL B 231 0.22 10.27 8.28
C VAL B 231 0.38 10.80 6.85
N GLY B 232 0.28 9.90 5.88
CA GLY B 232 0.37 10.31 4.49
C GLY B 232 -0.83 11.16 4.15
N HIS B 233 -0.66 12.11 3.24
CA HIS B 233 -1.77 12.97 2.84
C HIS B 233 -1.48 13.46 1.44
N GLY B 234 -2.38 14.26 0.89
CA GLY B 234 -2.16 14.75 -0.45
C GLY B 234 -3.14 15.81 -0.87
N VAL B 235 -2.92 16.33 -2.07
CA VAL B 235 -3.79 17.34 -2.60
C VAL B 235 -3.70 17.38 -4.12
N VAL B 236 -4.80 17.81 -4.73
CA VAL B 236 -4.89 17.98 -6.16
C VAL B 236 -5.54 19.35 -6.33
N MET B 237 -4.81 20.28 -6.92
CA MET B 237 -5.33 21.62 -7.17
C MET B 237 -5.45 21.77 -8.68
N GLU B 238 -6.62 22.19 -9.13
CA GLU B 238 -6.88 22.36 -10.55
C GLU B 238 -7.54 23.69 -10.86
N ARG B 239 -7.28 24.19 -12.06
CA ARG B 239 -7.88 25.44 -12.53
C ARG B 239 -7.99 25.39 -14.03
N LYS B 240 -9.16 25.80 -14.52
CA LYS B 240 -9.43 25.90 -15.94
C LYS B 240 -9.82 27.37 -16.02
N GLY B 241 -8.98 28.17 -16.65
CA GLY B 241 -9.27 29.59 -16.73
C GLY B 241 -8.81 30.33 -17.95
N VAL B 242 -9.01 31.64 -17.91
CA VAL B 242 -8.68 32.52 -19.02
C VAL B 242 -7.40 33.33 -18.83
N SER B 243 -6.46 33.15 -19.75
CA SER B 243 -5.23 33.94 -19.75
C SER B 243 -5.55 35.07 -20.74
N GLY B 244 -5.59 36.31 -20.27
CA GLY B 244 -5.93 37.41 -21.16
C GLY B 244 -7.38 37.25 -21.59
N ALA B 245 -7.58 36.85 -22.84
CA ALA B 245 -8.92 36.64 -23.37
C ALA B 245 -8.99 35.23 -23.96
N THR B 246 -7.97 34.42 -23.65
CA THR B 246 -7.87 33.06 -24.16
C THR B 246 -8.36 32.06 -23.13
N HIS B 247 -9.46 31.40 -23.44
CA HIS B 247 -10.07 30.45 -22.53
C HIS B 247 -9.52 29.03 -22.53
N ASN B 248 -9.98 28.27 -21.54
CA ASN B 248 -9.61 26.87 -21.34
C ASN B 248 -8.14 26.57 -21.09
N GLN B 249 -7.46 27.44 -20.33
CA GLN B 249 -6.07 27.20 -19.96
C GLN B 249 -6.21 26.19 -18.83
N LEU B 250 -5.50 25.06 -18.93
CA LEU B 250 -5.60 24.00 -17.92
C LEU B 250 -4.35 23.81 -17.06
N PHE B 251 -4.55 23.82 -15.75
CA PHE B 251 -3.46 23.65 -14.79
C PHE B 251 -3.78 22.58 -13.75
N ARG B 252 -2.77 21.83 -13.30
CA ARG B 252 -2.99 20.80 -12.29
C ARG B 252 -1.75 20.58 -11.43
N PHE B 253 -1.95 20.58 -10.12
CA PHE B 253 -0.85 20.34 -9.19
C PHE B 253 -1.28 19.24 -8.22
N GLU B 254 -0.42 18.25 -8.01
CA GLU B 254 -0.73 17.16 -7.10
C GLU B 254 0.46 16.77 -6.23
N MET B 255 0.18 16.41 -4.98
CA MET B 255 1.20 15.96 -4.04
C MET B 255 0.71 14.74 -3.29
N ARG B 256 1.62 13.81 -3.02
CA ARG B 256 1.34 12.62 -2.23
C ARG B 256 2.54 12.64 -1.30
N ILE B 257 2.30 13.08 -0.07
CA ILE B 257 3.37 13.28 0.88
C ILE B 257 3.08 12.90 2.31
N ASN B 258 4.14 12.91 3.12
CA ASN B 258 4.03 12.65 4.54
C ASN B 258 3.64 14.04 5.07
N ASN B 259 2.45 14.15 5.65
CA ASN B 259 1.95 15.44 6.14
C ASN B 259 2.89 16.23 7.07
N PRO B 260 3.15 15.75 8.29
CA PRO B 260 4.03 16.48 9.20
C PRO B 260 5.47 16.67 8.67
N ALA B 261 5.95 15.71 7.90
CA ALA B 261 7.31 15.83 7.35
C ALA B 261 7.41 17.05 6.43
N LEU B 262 6.45 17.20 5.52
CA LEU B 262 6.46 18.33 4.61
C LEU B 262 6.25 19.64 5.37
N THR B 263 5.30 19.64 6.31
CA THR B 263 5.01 20.84 7.08
C THR B 263 6.26 21.35 7.81
N ALA B 264 6.98 20.44 8.46
CA ALA B 264 8.19 20.80 9.18
C ALA B 264 9.29 21.34 8.25
N GLN B 265 9.42 20.75 7.06
CA GLN B 265 10.44 21.21 6.12
C GLN B 265 10.07 22.60 5.59
N VAL B 266 8.78 22.85 5.35
CA VAL B 266 8.38 24.17 4.87
C VAL B 266 8.61 25.20 5.96
N MET B 267 8.32 24.84 7.21
CA MET B 267 8.53 25.76 8.32
C MET B 267 10.00 26.16 8.42
N VAL B 268 10.89 25.20 8.18
CA VAL B 268 12.33 25.47 8.20
C VAL B 268 12.68 26.49 7.12
N ALA B 269 12.21 26.27 5.90
CA ALA B 269 12.48 27.17 4.79
C ALA B 269 11.92 28.57 5.08
N ALA B 270 10.76 28.62 5.73
CA ALA B 270 10.13 29.89 6.07
C ALA B 270 10.90 30.66 7.15
N LEU B 271 11.51 29.93 8.08
CA LEU B 271 12.28 30.56 9.16
C LEU B 271 13.56 31.17 8.57
N ARG B 272 14.07 30.50 7.54
CA ARG B 272 15.26 30.98 6.83
C ARG B 272 14.88 32.32 6.20
N ALA B 273 13.71 32.37 5.60
CA ALA B 273 13.23 33.59 4.95
C ALA B 273 12.96 34.69 5.98
N ALA B 274 12.33 34.32 7.10
CA ALA B 274 12.02 35.28 8.14
C ALA B 274 13.27 36.04 8.59
N ALA B 275 14.36 35.31 8.82
CA ALA B 275 15.60 35.94 9.26
C ALA B 275 16.14 36.93 8.23
N ARG B 276 15.61 36.88 7.02
CA ARG B 276 16.04 37.78 5.95
C ARG B 276 15.12 38.98 5.73
N GLN B 277 14.02 39.04 6.45
CA GLN B 277 13.05 40.13 6.28
C GLN B 277 13.16 41.29 7.26
N LYS B 278 12.55 42.39 6.88
CA LYS B 278 12.48 43.58 7.72
C LYS B 278 11.52 43.18 8.84
N PRO B 279 11.73 43.69 10.06
CA PRO B 279 10.84 43.34 11.19
C PRO B 279 9.36 43.51 10.84
N GLY B 280 8.57 42.50 11.18
CA GLY B 280 7.14 42.51 10.89
C GLY B 280 6.61 41.09 10.71
N CYS B 281 5.34 40.95 10.37
CA CYS B 281 4.72 39.64 10.16
C CYS B 281 4.35 39.44 8.69
N TYR B 282 4.59 38.23 8.18
CA TYR B 282 4.36 37.88 6.78
C TYR B 282 3.69 36.51 6.56
N THR B 283 2.87 36.39 5.51
CA THR B 283 2.30 35.09 5.12
C THR B 283 3.27 34.68 4.01
N MET B 284 3.24 33.43 3.55
CA MET B 284 4.18 32.97 2.53
C MET B 284 4.15 33.64 1.15
N ILE B 285 3.03 34.25 0.80
CA ILE B 285 2.93 34.91 -0.50
C ILE B 285 3.47 36.34 -0.48
N GLU B 286 4.00 36.76 0.68
CA GLU B 286 4.54 38.11 0.80
C GLU B 286 6.06 38.10 0.84
N ILE B 287 6.65 36.94 0.52
CA ILE B 287 8.09 36.78 0.54
C ILE B 287 8.62 36.27 -0.80
N PRO B 288 9.68 36.88 -1.33
CA PRO B 288 10.16 36.36 -2.62
C PRO B 288 10.59 34.90 -2.41
N VAL B 289 10.19 34.04 -3.33
CA VAL B 289 10.48 32.61 -3.22
C VAL B 289 11.96 32.27 -3.04
N ILE B 290 12.83 33.08 -3.62
CA ILE B 290 14.26 32.80 -3.51
C ILE B 290 14.74 32.94 -2.06
N ASP B 291 14.00 33.67 -1.23
CA ASP B 291 14.40 33.83 0.17
C ASP B 291 14.22 32.54 0.96
N TYR B 292 13.47 31.58 0.40
CA TYR B 292 13.26 30.30 1.06
C TYR B 292 14.40 29.33 0.75
N LEU B 293 15.32 29.75 -0.11
CA LEU B 293 16.44 28.90 -0.50
C LEU B 293 17.72 29.31 0.24
N PRO B 294 18.51 28.33 0.70
CA PRO B 294 19.75 28.59 1.43
C PRO B 294 20.89 29.21 0.61
N GLY B 295 21.59 30.15 1.22
CA GLY B 295 22.73 30.77 0.55
C GLY B 295 22.47 31.84 -0.49
N ASP B 296 23.54 32.15 -1.22
CA ASP B 296 23.59 33.14 -2.29
C ASP B 296 22.51 33.00 -3.37
N ARG B 297 21.94 34.13 -3.78
CA ARG B 297 20.89 34.16 -4.79
C ARG B 297 21.36 33.77 -6.19
N GLU B 298 22.52 34.28 -6.58
CA GLU B 298 23.07 34.01 -7.91
C GLU B 298 23.01 32.55 -8.32
N ALA B 299 23.54 31.66 -7.49
CA ALA B 299 23.54 30.24 -7.79
C ALA B 299 22.14 29.68 -8.05
N TRP B 300 21.17 30.08 -7.24
CA TRP B 300 19.81 29.60 -7.41
C TRP B 300 19.16 30.11 -8.70
N ILE B 301 19.45 31.36 -9.05
CA ILE B 301 18.89 31.92 -10.27
C ILE B 301 19.36 31.10 -11.48
N ARG B 302 20.65 30.76 -11.50
CA ARG B 302 21.21 29.98 -12.61
C ARG B 302 20.71 28.53 -12.62
N LYS B 303 20.51 27.96 -11.44
CA LYS B 303 20.04 26.58 -11.37
C LYS B 303 18.55 26.40 -11.64
N LEU B 304 17.73 27.35 -11.19
CA LEU B 304 16.28 27.23 -11.31
C LEU B 304 15.47 28.02 -12.34
N VAL B 305 15.87 29.25 -12.64
CA VAL B 305 15.08 30.06 -13.57
C VAL B 305 15.13 29.59 -15.02
N LYS C 9 -1.74 -36.34 -14.94
CA LYS C 9 -2.85 -35.47 -15.42
C LYS C 9 -4.12 -35.69 -14.60
N LEU C 10 -4.61 -34.62 -13.97
CA LEU C 10 -5.79 -34.68 -13.12
C LEU C 10 -7.11 -34.78 -13.91
N ARG C 11 -7.90 -35.81 -13.61
CA ARG C 11 -9.18 -36.01 -14.28
C ARG C 11 -10.21 -35.14 -13.56
N VAL C 12 -10.80 -34.20 -14.30
CA VAL C 12 -11.75 -33.25 -13.74
C VAL C 12 -13.12 -33.17 -14.39
N ALA C 13 -14.12 -32.82 -13.58
CA ALA C 13 -15.49 -32.67 -14.05
C ALA C 13 -15.96 -31.25 -13.75
N VAL C 14 -16.72 -30.68 -14.68
CA VAL C 14 -17.28 -29.35 -14.49
C VAL C 14 -18.71 -29.60 -14.03
N VAL C 15 -19.08 -29.07 -12.87
CA VAL C 15 -20.43 -29.27 -12.34
C VAL C 15 -21.21 -27.97 -12.41
N GLY C 16 -22.22 -27.95 -13.28
CA GLY C 16 -23.04 -26.76 -13.45
C GLY C 16 -22.61 -26.03 -14.71
N TYR C 17 -23.37 -26.18 -15.79
CA TYR C 17 -23.01 -25.55 -17.05
C TYR C 17 -23.69 -24.19 -17.23
N GLY C 18 -23.37 -23.26 -16.33
CA GLY C 18 -23.92 -21.92 -16.42
C GLY C 18 -22.87 -20.98 -16.98
N ASN C 19 -22.90 -19.72 -16.55
CA ASN C 19 -21.92 -18.73 -17.02
C ASN C 19 -20.50 -19.15 -16.71
N VAL C 20 -20.22 -19.35 -15.42
CA VAL C 20 -18.88 -19.76 -15.00
C VAL C 20 -18.57 -21.15 -15.56
N GLY C 21 -19.55 -22.05 -15.49
CA GLY C 21 -19.36 -23.40 -15.99
C GLY C 21 -18.91 -23.44 -17.43
N ARG C 22 -19.49 -22.58 -18.27
CA ARG C 22 -19.12 -22.54 -19.68
C ARG C 22 -17.66 -22.14 -19.88
N TYR C 23 -17.18 -21.23 -19.05
CA TYR C 23 -15.78 -20.80 -19.14
C TYR C 23 -14.86 -21.87 -18.52
N ALA C 24 -15.37 -22.55 -17.50
CA ALA C 24 -14.61 -23.61 -16.82
C ALA C 24 -14.26 -24.73 -17.79
N LEU C 25 -15.20 -25.04 -18.68
CA LEU C 25 -14.99 -26.08 -19.69
C LEU C 25 -13.74 -25.70 -20.48
N GLU C 26 -13.68 -24.44 -20.90
CA GLU C 26 -12.56 -23.93 -21.68
C GLU C 26 -11.26 -23.88 -20.89
N ALA C 27 -11.32 -23.51 -19.61
CA ALA C 27 -10.13 -23.43 -18.79
C ALA C 27 -9.53 -24.82 -18.55
N VAL C 28 -10.38 -25.81 -18.32
CA VAL C 28 -9.90 -27.17 -18.13
C VAL C 28 -9.25 -27.67 -19.41
N GLN C 29 -9.93 -27.46 -20.55
CA GLN C 29 -9.41 -27.90 -21.83
C GLN C 29 -8.06 -27.25 -22.15
N ALA C 30 -7.87 -26.01 -21.68
CA ALA C 30 -6.62 -25.30 -21.93
C ALA C 30 -5.51 -25.65 -20.94
N ALA C 31 -5.88 -26.19 -19.78
CA ALA C 31 -4.90 -26.58 -18.76
C ALA C 31 -4.01 -27.72 -19.27
N PRO C 32 -2.68 -27.57 -19.12
CA PRO C 32 -1.74 -28.59 -19.58
C PRO C 32 -1.66 -29.85 -18.71
N ASP C 33 -2.11 -29.73 -17.46
CA ASP C 33 -2.04 -30.84 -16.52
C ASP C 33 -3.40 -31.42 -16.12
N MET C 34 -4.43 -31.13 -16.91
CA MET C 34 -5.76 -31.65 -16.62
C MET C 34 -6.44 -32.25 -17.84
N GLU C 35 -7.38 -33.15 -17.57
CA GLU C 35 -8.17 -33.81 -18.59
C GLU C 35 -9.64 -33.68 -18.21
N LEU C 36 -10.44 -33.11 -19.12
CA LEU C 36 -11.87 -32.94 -18.88
C LEU C 36 -12.58 -34.26 -19.10
N VAL C 37 -13.08 -34.86 -18.02
CA VAL C 37 -13.79 -36.13 -18.13
C VAL C 37 -15.22 -35.90 -18.60
N GLY C 38 -15.82 -34.79 -18.17
CA GLY C 38 -17.19 -34.50 -18.57
C GLY C 38 -17.83 -33.36 -17.80
N VAL C 39 -19.12 -33.14 -18.07
CA VAL C 39 -19.89 -32.08 -17.43
C VAL C 39 -21.11 -32.69 -16.76
N VAL C 40 -21.41 -32.23 -15.55
CA VAL C 40 -22.56 -32.72 -14.79
C VAL C 40 -23.64 -31.64 -14.75
N ARG C 41 -24.81 -31.95 -15.29
CA ARG C 41 -25.92 -31.00 -15.33
C ARG C 41 -27.15 -31.59 -14.65
N ARG C 42 -28.10 -30.74 -14.28
CA ARG C 42 -29.31 -31.23 -13.63
C ARG C 42 -30.14 -32.05 -14.61
N LYS C 43 -30.12 -31.64 -15.88
CA LYS C 43 -30.85 -32.33 -16.94
C LYS C 43 -29.99 -32.32 -18.21
N VAL C 44 -30.23 -33.29 -19.08
CA VAL C 44 -29.50 -33.38 -20.35
C VAL C 44 -30.54 -33.53 -21.45
N LEU C 45 -30.78 -32.45 -22.20
CA LEU C 45 -31.76 -32.48 -23.29
C LEU C 45 -31.21 -33.15 -24.53
N ALA C 46 -32.10 -33.60 -25.42
CA ALA C 46 -31.71 -34.27 -26.64
C ALA C 46 -30.90 -33.33 -27.54
N ALA C 47 -31.28 -32.05 -27.56
CA ALA C 47 -30.58 -31.06 -28.37
C ALA C 47 -29.28 -30.70 -27.66
N THR C 48 -28.17 -31.15 -28.21
CA THR C 48 -26.86 -30.91 -27.62
C THR C 48 -26.23 -29.57 -28.00
N PRO C 49 -25.80 -28.78 -27.00
CA PRO C 49 -25.18 -27.49 -27.33
C PRO C 49 -23.99 -27.78 -28.24
N PRO C 50 -23.83 -27.01 -29.33
CA PRO C 50 -22.72 -27.23 -30.26
C PRO C 50 -21.37 -27.53 -29.62
N GLU C 51 -20.93 -26.67 -28.70
CA GLU C 51 -19.64 -26.84 -28.07
C GLU C 51 -19.51 -28.08 -27.17
N LEU C 52 -20.62 -28.73 -26.86
CA LEU C 52 -20.58 -29.93 -26.03
C LEU C 52 -20.69 -31.22 -26.86
N THR C 53 -20.70 -31.07 -28.18
CA THR C 53 -20.83 -32.20 -29.09
C THR C 53 -19.89 -33.38 -28.81
N GLY C 54 -18.63 -33.10 -28.51
CA GLY C 54 -17.71 -34.19 -28.24
C GLY C 54 -17.39 -34.32 -26.76
N VAL C 55 -18.33 -33.89 -25.92
CA VAL C 55 -18.14 -33.91 -24.48
C VAL C 55 -19.18 -34.77 -23.76
N ARG C 56 -18.73 -35.55 -22.78
CA ARG C 56 -19.65 -36.41 -22.03
C ARG C 56 -20.41 -35.55 -21.02
N VAL C 57 -21.73 -35.59 -21.12
CA VAL C 57 -22.60 -34.80 -20.25
C VAL C 57 -23.59 -35.73 -19.56
N VAL C 58 -23.58 -35.73 -18.23
CA VAL C 58 -24.47 -36.58 -17.45
C VAL C 58 -25.07 -35.84 -16.25
N THR C 59 -25.98 -36.51 -15.55
CA THR C 59 -26.64 -35.91 -14.39
C THR C 59 -26.04 -36.39 -13.05
N ASP C 60 -25.20 -37.41 -13.10
CA ASP C 60 -24.58 -37.99 -11.91
C ASP C 60 -23.08 -38.08 -12.15
N ILE C 61 -22.29 -37.47 -11.29
CA ILE C 61 -20.84 -37.49 -11.46
C ILE C 61 -20.29 -38.93 -11.45
N SER C 62 -21.09 -39.86 -10.94
CA SER C 62 -20.69 -41.28 -10.90
C SER C 62 -20.45 -41.84 -12.29
N GLN C 63 -21.13 -41.30 -13.30
CA GLN C 63 -20.99 -41.78 -14.66
C GLN C 63 -19.76 -41.22 -15.39
N LEU C 64 -18.97 -40.40 -14.70
CA LEU C 64 -17.76 -39.84 -15.28
C LEU C 64 -16.61 -40.64 -14.67
N GLU C 65 -16.05 -41.55 -15.47
CA GLU C 65 -14.98 -42.43 -15.03
C GLU C 65 -13.71 -41.81 -14.49
N GLY C 66 -13.30 -42.27 -13.31
CA GLY C 66 -12.09 -41.82 -12.67
C GLY C 66 -11.95 -40.35 -12.31
N VAL C 67 -13.07 -39.67 -12.06
CA VAL C 67 -13.01 -38.26 -11.71
C VAL C 67 -12.27 -38.08 -10.39
N GLN C 68 -11.28 -37.20 -10.39
CA GLN C 68 -10.48 -36.92 -9.20
C GLN C 68 -10.81 -35.54 -8.61
N GLY C 69 -11.26 -34.62 -9.46
CA GLY C 69 -11.58 -33.29 -8.99
C GLY C 69 -12.82 -32.71 -9.66
N ALA C 70 -13.51 -31.85 -8.93
CA ALA C 70 -14.74 -31.25 -9.45
C ALA C 70 -14.77 -29.74 -9.27
N LEU C 71 -15.16 -29.04 -10.32
CA LEU C 71 -15.29 -27.60 -10.30
C LEU C 71 -16.78 -27.34 -10.04
N LEU C 72 -17.10 -26.83 -8.87
CA LEU C 72 -18.49 -26.58 -8.51
C LEU C 72 -18.96 -25.22 -8.99
N CYS C 73 -19.43 -25.18 -10.24
CA CYS C 73 -19.89 -23.95 -10.83
C CYS C 73 -21.40 -23.80 -10.65
N VAL C 74 -21.85 -23.97 -9.41
CA VAL C 74 -23.28 -23.87 -9.07
C VAL C 74 -23.58 -22.61 -8.26
N PRO C 75 -24.87 -22.28 -8.09
CA PRO C 75 -25.24 -21.09 -7.31
C PRO C 75 -24.63 -21.10 -5.91
N THR C 76 -24.34 -19.92 -5.38
CA THR C 76 -23.74 -19.77 -4.06
C THR C 76 -24.40 -20.63 -2.98
N ARG C 77 -25.72 -20.56 -2.90
CA ARG C 77 -26.43 -21.32 -1.88
C ARG C 77 -26.39 -22.83 -2.05
N SER C 78 -26.01 -23.30 -3.24
CA SER C 78 -25.95 -24.74 -3.51
C SER C 78 -24.56 -25.32 -3.23
N VAL C 79 -23.56 -24.45 -3.13
CA VAL C 79 -22.20 -24.90 -2.89
C VAL C 79 -22.01 -25.84 -1.69
N PRO C 80 -22.52 -25.47 -0.51
CA PRO C 80 -22.34 -26.35 0.65
C PRO C 80 -22.74 -27.81 0.42
N GLU C 81 -23.96 -28.02 -0.10
CA GLU C 81 -24.47 -29.36 -0.35
C GLU C 81 -23.70 -30.07 -1.45
N TYR C 82 -23.31 -29.35 -2.49
CA TYR C 82 -22.56 -29.96 -3.58
C TYR C 82 -21.16 -30.37 -3.14
N ALA C 83 -20.51 -29.51 -2.37
CA ALA C 83 -19.16 -29.80 -1.89
C ALA C 83 -19.17 -31.04 -1.00
N GLU C 84 -20.12 -31.11 -0.08
CA GLU C 84 -20.20 -32.27 0.81
C GLU C 84 -20.49 -33.55 0.03
N ALA C 85 -21.32 -33.44 -1.00
CA ALA C 85 -21.66 -34.61 -1.81
C ALA C 85 -20.44 -35.12 -2.57
N MET C 86 -19.65 -34.20 -3.12
CA MET C 86 -18.47 -34.60 -3.87
C MET C 86 -17.36 -35.09 -2.94
N LEU C 87 -17.15 -34.39 -1.84
CA LEU C 87 -16.12 -34.78 -0.88
C LEU C 87 -16.38 -36.17 -0.31
N ARG C 88 -17.64 -36.49 -0.04
CA ARG C 88 -17.98 -37.81 0.50
C ARG C 88 -17.76 -38.92 -0.52
N ARG C 89 -17.42 -38.54 -1.74
CA ARG C 89 -17.12 -39.50 -2.79
C ARG C 89 -15.61 -39.54 -3.00
N GLY C 90 -14.89 -38.80 -2.17
CA GLY C 90 -13.44 -38.74 -2.27
C GLY C 90 -12.93 -37.88 -3.41
N ILE C 91 -13.80 -37.00 -3.92
CA ILE C 91 -13.42 -36.12 -5.01
C ILE C 91 -13.02 -34.74 -4.49
N HIS C 92 -11.85 -34.26 -4.92
CA HIS C 92 -11.38 -32.94 -4.50
C HIS C 92 -12.35 -31.91 -5.09
N THR C 93 -12.64 -30.84 -4.35
CA THR C 93 -13.57 -29.84 -4.85
C THR C 93 -13.08 -28.39 -4.75
N VAL C 94 -13.56 -27.58 -5.68
CA VAL C 94 -13.24 -26.17 -5.69
C VAL C 94 -14.52 -25.43 -6.01
N ASP C 95 -14.72 -24.29 -5.35
CA ASP C 95 -15.91 -23.47 -5.56
C ASP C 95 -15.48 -22.02 -5.38
N SER C 96 -16.29 -21.09 -5.87
CA SER C 96 -15.98 -19.68 -5.72
C SER C 96 -17.01 -19.00 -4.82
N TYR C 97 -17.50 -19.75 -3.82
CA TYR C 97 -18.49 -19.26 -2.84
C TYR C 97 -18.15 -17.81 -2.52
N ASP C 98 -19.09 -16.90 -2.80
CA ASP C 98 -18.83 -15.48 -2.64
C ASP C 98 -19.37 -14.71 -1.42
N ILE C 99 -19.83 -15.40 -0.38
CA ILE C 99 -20.32 -14.69 0.79
C ILE C 99 -19.20 -14.49 1.82
N HIS C 100 -18.66 -13.28 1.87
CA HIS C 100 -17.57 -12.93 2.78
C HIS C 100 -17.92 -13.12 4.25
N GLY C 101 -19.18 -12.88 4.58
CA GLY C 101 -19.62 -12.98 5.95
C GLY C 101 -19.57 -14.34 6.61
N ASP C 102 -19.68 -15.42 5.83
CA ASP C 102 -19.66 -16.73 6.44
C ASP C 102 -18.84 -17.81 5.74
N LEU C 103 -17.98 -17.44 4.80
CA LEU C 103 -17.18 -18.48 4.15
C LEU C 103 -16.26 -19.10 5.18
N ALA C 104 -15.93 -18.33 6.22
CA ALA C 104 -15.06 -18.84 7.27
C ALA C 104 -15.75 -20.01 7.95
N ASP C 105 -17.07 -19.92 8.07
CA ASP C 105 -17.84 -20.99 8.68
C ASP C 105 -17.96 -22.16 7.72
N LEU C 106 -18.05 -21.85 6.42
CA LEU C 106 -18.13 -22.91 5.40
C LEU C 106 -16.84 -23.71 5.49
N ARG C 107 -15.72 -23.01 5.70
CA ARG C 107 -14.43 -23.65 5.81
C ARG C 107 -14.41 -24.65 6.96
N ARG C 108 -14.92 -24.25 8.11
CA ARG C 108 -14.94 -25.15 9.27
C ARG C 108 -15.88 -26.32 9.06
N ARG C 109 -16.96 -26.09 8.32
CA ARG C 109 -17.94 -27.14 8.04
C ARG C 109 -17.40 -28.20 7.10
N LEU C 110 -16.71 -27.77 6.04
CA LEU C 110 -16.17 -28.71 5.06
C LEU C 110 -14.86 -29.38 5.45
N ASP C 111 -14.11 -28.79 6.35
CA ASP C 111 -12.82 -29.35 6.76
C ASP C 111 -12.88 -30.81 7.20
N PRO C 112 -13.76 -31.16 8.16
CA PRO C 112 -13.85 -32.56 8.60
C PRO C 112 -14.38 -33.52 7.54
N VAL C 113 -15.30 -33.04 6.71
CA VAL C 113 -15.88 -33.86 5.66
C VAL C 113 -14.80 -34.20 4.65
N ALA C 114 -14.02 -33.20 4.27
CA ALA C 114 -12.92 -33.39 3.33
C ALA C 114 -11.90 -34.36 3.90
N ARG C 115 -11.45 -34.10 5.12
CA ARG C 115 -10.45 -34.93 5.76
C ARG C 115 -10.86 -36.40 5.92
N GLU C 116 -12.07 -36.62 6.43
CA GLU C 116 -12.54 -37.99 6.66
C GLU C 116 -12.74 -38.80 5.39
N HIS C 117 -12.73 -38.13 4.24
CA HIS C 117 -12.90 -38.84 2.97
C HIS C 117 -11.65 -38.75 2.10
N GLY C 118 -10.55 -38.35 2.73
CA GLY C 118 -9.27 -38.24 2.04
C GLY C 118 -9.20 -37.29 0.87
N ALA C 119 -9.98 -36.22 0.93
CA ALA C 119 -9.99 -35.25 -0.16
C ALA C 119 -9.71 -33.85 0.34
N ALA C 120 -9.46 -32.95 -0.60
CA ALA C 120 -9.16 -31.56 -0.28
C ALA C 120 -10.18 -30.66 -0.96
N ALA C 121 -10.58 -29.61 -0.25
CA ALA C 121 -11.53 -28.65 -0.77
C ALA C 121 -10.94 -27.26 -0.65
N VAL C 122 -11.02 -26.48 -1.71
CA VAL C 122 -10.55 -25.11 -1.70
C VAL C 122 -11.80 -24.31 -2.00
N ILE C 123 -12.25 -23.51 -1.02
CA ILE C 123 -13.45 -22.72 -1.18
C ILE C 123 -13.16 -21.27 -1.54
N SER C 124 -14.19 -20.59 -2.04
CA SER C 124 -14.10 -19.18 -2.40
C SER C 124 -12.88 -18.84 -3.26
N ALA C 125 -12.67 -19.63 -4.31
CA ALA C 125 -11.53 -19.42 -5.20
C ALA C 125 -11.91 -18.77 -6.52
N GLY C 126 -12.36 -17.52 -6.47
CA GLY C 126 -12.70 -16.77 -7.67
C GLY C 126 -11.75 -15.58 -7.58
N TRP C 127 -12.16 -14.40 -8.04
CA TRP C 127 -11.27 -13.26 -7.90
C TRP C 127 -11.60 -12.44 -6.65
N ASP C 128 -12.84 -12.55 -6.16
CA ASP C 128 -13.22 -11.86 -4.93
C ASP C 128 -14.54 -12.39 -4.38
N PRO C 129 -14.47 -13.27 -3.37
CA PRO C 129 -13.26 -13.78 -2.73
C PRO C 129 -12.37 -14.61 -3.64
N GLY C 130 -11.08 -14.66 -3.32
CA GLY C 130 -10.15 -15.43 -4.12
C GLY C 130 -8.82 -14.73 -4.28
N THR C 131 -8.44 -14.44 -5.51
CA THR C 131 -7.18 -13.78 -5.76
C THR C 131 -7.10 -12.40 -5.10
N ASP C 132 -8.20 -11.65 -5.07
CA ASP C 132 -8.18 -10.34 -4.43
C ASP C 132 -7.83 -10.51 -2.97
N SER C 133 -8.24 -11.65 -2.40
CA SER C 133 -7.98 -11.96 -0.99
C SER C 133 -6.48 -12.08 -0.75
N ILE C 134 -5.79 -12.72 -1.68
CA ILE C 134 -4.35 -12.87 -1.56
C ILE C 134 -3.70 -11.48 -1.62
N ILE C 135 -4.14 -10.67 -2.57
CA ILE C 135 -3.59 -9.32 -2.71
C ILE C 135 -3.82 -8.51 -1.43
N ARG C 136 -5.02 -8.60 -0.86
CA ARG C 136 -5.29 -7.85 0.36
C ARG C 136 -4.34 -8.32 1.48
N ALA C 137 -4.06 -9.61 1.52
CA ALA C 137 -3.17 -10.16 2.53
C ALA C 137 -1.75 -9.60 2.36
N LEU C 138 -1.29 -9.52 1.11
CA LEU C 138 0.04 -8.98 0.83
C LEU C 138 0.16 -7.53 1.29
N LEU C 139 -0.79 -6.70 0.88
CA LEU C 139 -0.79 -5.29 1.25
C LEU C 139 -0.80 -5.14 2.77
N GLU C 140 -1.51 -6.04 3.43
CA GLU C 140 -1.64 -6.03 4.87
C GLU C 140 -0.28 -6.24 5.57
N PHE C 141 0.54 -7.18 5.10
CA PHE C 141 1.81 -7.39 5.78
C PHE C 141 2.94 -6.50 5.26
N MET C 142 2.76 -5.93 4.08
CA MET C 142 3.75 -5.01 3.52
C MET C 142 3.68 -3.66 4.25
N ALA C 143 2.47 -3.32 4.71
CA ALA C 143 2.22 -2.07 5.45
C ALA C 143 1.09 -2.34 6.44
N PRO C 144 1.42 -2.95 7.59
CA PRO C 144 0.52 -3.32 8.69
C PRO C 144 -0.44 -2.26 9.22
N LYS C 145 -0.06 -0.98 9.13
CA LYS C 145 -0.93 0.09 9.61
C LYS C 145 -1.45 0.91 8.43
N GLY C 146 -2.76 1.10 8.38
CA GLY C 146 -3.37 1.84 7.29
C GLY C 146 -4.70 1.23 6.92
N ILE C 147 -5.22 1.63 5.77
CA ILE C 147 -6.52 1.13 5.31
C ILE C 147 -6.51 0.71 3.85
N THR C 148 -7.05 -0.47 3.57
CA THR C 148 -7.13 -0.96 2.20
C THR C 148 -8.55 -0.75 1.69
N TYR C 149 -8.67 -0.19 0.49
CA TYR C 149 -9.98 0.06 -0.10
C TYR C 149 -10.15 -0.81 -1.35
N THR C 150 -11.26 -1.55 -1.42
CA THR C 150 -11.53 -2.40 -2.57
C THR C 150 -12.73 -1.78 -3.30
N ASN C 151 -12.48 -1.26 -4.50
CA ASN C 151 -13.52 -0.63 -5.30
C ASN C 151 -13.89 -1.49 -6.52
N PHE C 152 -15.14 -1.93 -6.57
CA PHE C 152 -15.65 -2.79 -7.63
C PHE C 152 -16.40 -2.06 -8.74
N GLY C 153 -16.27 -2.58 -9.95
CA GLY C 153 -16.99 -2.01 -11.08
C GLY C 153 -16.26 -1.03 -11.98
N PRO C 154 -16.92 -0.55 -13.03
CA PRO C 154 -18.31 -0.93 -13.35
C PRO C 154 -18.46 -2.39 -13.80
N GLY C 155 -19.57 -3.01 -13.41
CA GLY C 155 -19.86 -4.38 -13.77
C GLY C 155 -21.20 -4.75 -13.17
N MET C 156 -21.84 -5.79 -13.67
CA MET C 156 -23.15 -6.18 -13.14
C MET C 156 -23.13 -7.06 -11.90
N SER C 157 -24.16 -6.89 -11.08
CA SER C 157 -24.32 -7.64 -9.86
C SER C 157 -25.45 -8.65 -10.03
N MET C 158 -25.12 -9.93 -9.90
CA MET C 158 -26.10 -11.00 -10.04
C MET C 158 -27.18 -10.90 -8.97
N GLY C 159 -26.76 -10.88 -7.71
CA GLY C 159 -27.71 -10.79 -6.61
C GLY C 159 -28.66 -9.62 -6.75
N HIS C 160 -28.11 -8.42 -6.85
CA HIS C 160 -28.93 -7.22 -6.97
C HIS C 160 -29.87 -7.28 -8.17
N SER C 161 -29.42 -7.88 -9.27
CA SER C 161 -30.25 -7.99 -10.47
C SER C 161 -31.46 -8.89 -10.22
N VAL C 162 -31.22 -10.03 -9.58
CA VAL C 162 -32.29 -10.98 -9.29
C VAL C 162 -33.33 -10.34 -8.37
N ALA C 163 -32.85 -9.64 -7.35
CA ALA C 163 -33.73 -8.98 -6.38
C ALA C 163 -34.69 -8.01 -7.04
N VAL C 164 -34.21 -7.27 -8.03
CA VAL C 164 -35.04 -6.29 -8.74
C VAL C 164 -36.04 -6.98 -9.65
N LYS C 165 -35.61 -8.05 -10.30
CA LYS C 165 -36.47 -8.80 -11.22
C LYS C 165 -37.61 -9.51 -10.49
N ALA C 166 -37.39 -9.84 -9.22
CA ALA C 166 -38.39 -10.52 -8.42
C ALA C 166 -39.50 -9.55 -7.98
N ILE C 167 -39.40 -8.31 -8.43
CA ILE C 167 -40.39 -7.29 -8.09
C ILE C 167 -41.53 -7.32 -9.10
N PRO C 168 -42.78 -7.25 -8.61
CA PRO C 168 -43.93 -7.25 -9.51
C PRO C 168 -43.92 -6.06 -10.46
N GLY C 169 -44.23 -6.30 -11.72
CA GLY C 169 -44.24 -5.23 -12.70
C GLY C 169 -42.91 -5.13 -13.43
N VAL C 170 -41.93 -5.93 -12.98
CA VAL C 170 -40.61 -5.93 -13.59
C VAL C 170 -40.43 -7.18 -14.45
N ARG C 171 -40.36 -6.97 -15.76
CA ARG C 171 -40.18 -8.08 -16.70
C ARG C 171 -38.76 -8.62 -16.61
N ASP C 172 -37.79 -7.71 -16.61
CA ASP C 172 -36.38 -8.07 -16.52
C ASP C 172 -35.59 -6.85 -16.05
N ALA C 173 -34.46 -7.09 -15.40
CA ALA C 173 -33.66 -5.98 -14.89
C ALA C 173 -32.16 -6.26 -14.85
N LEU C 174 -31.38 -5.17 -14.79
CA LEU C 174 -29.94 -5.23 -14.74
C LEU C 174 -29.44 -4.25 -13.68
N SER C 175 -28.66 -4.75 -12.72
CA SER C 175 -28.13 -3.90 -11.67
C SER C 175 -26.61 -3.74 -11.81
N MET C 176 -26.17 -2.52 -12.11
CA MET C 176 -24.76 -2.24 -12.28
C MET C 176 -24.13 -1.77 -10.98
N THR C 177 -22.94 -2.28 -10.68
CA THR C 177 -22.22 -1.88 -9.49
C THR C 177 -21.26 -0.78 -9.93
N ILE C 178 -21.37 0.39 -9.31
CA ILE C 178 -20.53 1.53 -9.66
C ILE C 178 -19.65 1.94 -8.48
N PRO C 179 -18.33 2.08 -8.71
CA PRO C 179 -17.44 2.48 -7.62
C PRO C 179 -17.55 3.99 -7.35
N ALA C 180 -17.91 4.35 -6.12
CA ALA C 180 -18.05 5.75 -5.75
C ALA C 180 -16.75 6.25 -5.12
N GLY C 181 -15.87 5.32 -4.79
CA GLY C 181 -14.61 5.68 -4.18
C GLY C 181 -14.53 5.28 -2.72
N MET C 182 -13.31 5.06 -2.24
CA MET C 182 -13.06 4.67 -0.85
C MET C 182 -13.93 3.53 -0.37
N GLY C 183 -14.03 2.48 -1.18
CA GLY C 183 -14.82 1.32 -0.80
C GLY C 183 -16.32 1.49 -0.77
N VAL C 184 -16.80 2.63 -1.24
CA VAL C 184 -18.24 2.90 -1.29
C VAL C 184 -18.74 2.62 -2.70
N HIS C 185 -19.92 2.03 -2.82
CA HIS C 185 -20.49 1.69 -4.12
C HIS C 185 -21.91 2.21 -4.31
N LYS C 186 -22.24 2.56 -5.55
CA LYS C 186 -23.57 3.03 -5.88
C LYS C 186 -24.16 2.07 -6.89
N ARG C 187 -25.48 2.10 -7.04
CA ARG C 187 -26.15 1.19 -7.96
C ARG C 187 -26.87 1.90 -9.10
N ALA C 188 -26.70 1.37 -10.30
CA ALA C 188 -27.36 1.90 -11.47
C ALA C 188 -28.23 0.76 -11.95
N VAL C 189 -29.54 0.88 -11.72
CA VAL C 189 -30.48 -0.16 -12.10
C VAL C 189 -31.21 0.16 -13.40
N TYR C 190 -31.36 -0.86 -14.23
CA TYR C 190 -32.03 -0.74 -15.51
C TYR C 190 -33.16 -1.76 -15.49
N VAL C 191 -34.39 -1.29 -15.72
CA VAL C 191 -35.54 -2.19 -15.68
C VAL C 191 -36.40 -2.20 -16.92
N GLU C 192 -36.96 -3.37 -17.21
CA GLU C 192 -37.85 -3.57 -18.34
C GLU C 192 -39.20 -3.89 -17.72
N LEU C 193 -40.14 -2.95 -17.82
CA LEU C 193 -41.47 -3.10 -17.22
C LEU C 193 -42.46 -4.04 -17.90
N GLU C 194 -43.42 -4.51 -17.10
CA GLU C 194 -44.47 -5.41 -17.54
C GLU C 194 -45.61 -4.61 -18.20
N PRO C 195 -46.72 -5.27 -18.57
CA PRO C 195 -47.85 -4.59 -19.22
C PRO C 195 -48.14 -3.17 -18.74
N GLY C 196 -48.86 -3.04 -17.64
CA GLY C 196 -49.18 -1.72 -17.12
C GLY C 196 -48.50 -1.38 -15.81
N ALA C 197 -47.27 -1.83 -15.65
CA ALA C 197 -46.51 -1.55 -14.43
C ALA C 197 -46.16 -0.07 -14.35
N ASP C 198 -46.30 0.50 -13.16
CA ASP C 198 -45.99 1.91 -12.95
C ASP C 198 -44.54 2.08 -12.54
N PHE C 199 -43.78 2.85 -13.32
CA PHE C 199 -42.36 3.07 -13.05
C PHE C 199 -42.09 3.67 -11.67
N ALA C 200 -42.81 4.75 -11.35
CA ALA C 200 -42.64 5.43 -10.07
C ALA C 200 -42.67 4.42 -8.91
N GLU C 201 -43.65 3.53 -8.96
CA GLU C 201 -43.81 2.51 -7.93
C GLU C 201 -42.58 1.60 -7.88
N VAL C 202 -42.22 1.07 -9.04
CA VAL C 202 -41.07 0.19 -9.14
C VAL C 202 -39.80 0.90 -8.67
N GLU C 203 -39.62 2.14 -9.10
CA GLU C 203 -38.46 2.93 -8.74
C GLU C 203 -38.27 3.07 -7.22
N ARG C 204 -39.33 3.40 -6.51
CA ARG C 204 -39.22 3.56 -5.06
C ARG C 204 -39.08 2.19 -4.40
N ALA C 205 -39.73 1.19 -5.00
CA ALA C 205 -39.67 -0.17 -4.48
C ALA C 205 -38.22 -0.63 -4.47
N ILE C 206 -37.48 -0.24 -5.50
CA ILE C 206 -36.07 -0.61 -5.63
C ILE C 206 -35.23 0.15 -4.61
N LYS C 207 -35.34 1.48 -4.65
CA LYS C 207 -34.59 2.34 -3.74
C LYS C 207 -34.83 1.97 -2.28
N THR C 208 -36.01 1.43 -2.00
CA THR C 208 -36.38 1.05 -0.64
C THR C 208 -35.87 -0.34 -0.26
N ASP C 209 -35.82 -1.25 -1.23
CA ASP C 209 -35.37 -2.61 -0.99
C ASP C 209 -34.06 -2.65 -0.21
N PRO C 210 -33.95 -3.56 0.77
CA PRO C 210 -32.75 -3.72 1.61
C PRO C 210 -31.46 -3.88 0.81
N TYR C 211 -31.60 -4.32 -0.45
CA TYR C 211 -30.45 -4.51 -1.34
C TYR C 211 -29.91 -3.20 -1.89
N PHE C 212 -30.69 -2.13 -1.80
CA PHE C 212 -30.26 -0.85 -2.33
C PHE C 212 -30.40 0.32 -1.35
N VAL C 213 -31.19 0.11 -0.29
CA VAL C 213 -31.40 1.17 0.69
C VAL C 213 -30.09 1.68 1.30
N ARG C 214 -29.10 0.80 1.40
CA ARG C 214 -27.82 1.15 1.99
C ARG C 214 -26.93 2.00 1.08
N ASP C 215 -27.22 2.03 -0.22
CA ASP C 215 -26.39 2.80 -1.13
C ASP C 215 -27.17 3.71 -2.07
N GLU C 216 -26.47 4.65 -2.68
CA GLU C 216 -27.08 5.57 -3.62
C GLU C 216 -27.54 4.73 -4.81
N THR C 217 -28.84 4.79 -5.11
CA THR C 217 -29.39 4.00 -6.21
C THR C 217 -30.17 4.86 -7.20
N ARG C 218 -29.92 4.62 -8.49
CA ARG C 218 -30.59 5.34 -9.56
C ARG C 218 -31.28 4.31 -10.45
N VAL C 219 -32.49 4.63 -10.90
CA VAL C 219 -33.24 3.70 -11.73
C VAL C 219 -33.57 4.29 -13.09
N THR C 220 -33.53 3.44 -14.11
CA THR C 220 -33.83 3.86 -15.47
C THR C 220 -34.65 2.76 -16.17
N GLN C 221 -35.70 3.17 -16.87
CA GLN C 221 -36.52 2.19 -17.58
C GLN C 221 -35.98 2.07 -18.99
N VAL C 222 -35.89 0.84 -19.49
CA VAL C 222 -35.37 0.61 -20.83
C VAL C 222 -36.24 -0.35 -21.63
N GLU C 223 -36.08 -0.32 -22.95
CA GLU C 223 -36.84 -1.19 -23.84
C GLU C 223 -36.34 -2.63 -23.73
N SER C 224 -35.03 -2.79 -23.67
CA SER C 224 -34.44 -4.12 -23.57
C SER C 224 -33.24 -4.17 -22.61
N VAL C 225 -33.33 -5.03 -21.61
CA VAL C 225 -32.26 -5.19 -20.63
C VAL C 225 -31.14 -6.06 -21.22
N SER C 226 -31.53 -7.08 -21.98
CA SER C 226 -30.56 -7.99 -22.60
C SER C 226 -29.58 -7.24 -23.48
N ALA C 227 -30.04 -6.12 -24.07
CA ALA C 227 -29.20 -5.32 -24.94
C ALA C 227 -28.15 -4.52 -24.17
N LEU C 228 -28.23 -4.52 -22.85
CA LEU C 228 -27.29 -3.77 -22.01
C LEU C 228 -26.30 -4.65 -21.27
N MET C 229 -26.49 -5.96 -21.33
CA MET C 229 -25.63 -6.88 -20.60
C MET C 229 -24.25 -7.17 -21.16
N ASP C 230 -23.27 -7.13 -20.26
CA ASP C 230 -21.87 -7.42 -20.58
C ASP C 230 -21.26 -7.93 -19.27
N VAL C 231 -20.56 -9.05 -19.35
CA VAL C 231 -19.97 -9.65 -18.16
C VAL C 231 -18.60 -9.11 -17.77
N GLY C 232 -18.19 -8.02 -18.42
CA GLY C 232 -16.92 -7.42 -18.08
C GLY C 232 -17.05 -6.84 -16.67
N HIS C 233 -15.95 -6.83 -15.93
CA HIS C 233 -15.99 -6.29 -14.58
C HIS C 233 -14.57 -5.89 -14.19
N GLY C 234 -14.41 -5.36 -12.99
CA GLY C 234 -13.09 -4.97 -12.58
C GLY C 234 -13.01 -4.56 -11.13
N VAL C 235 -11.81 -4.21 -10.72
CA VAL C 235 -11.59 -3.79 -9.35
C VAL C 235 -10.35 -2.92 -9.27
N VAL C 236 -10.35 -2.06 -8.26
CA VAL C 236 -9.24 -1.18 -7.96
C VAL C 236 -9.05 -1.31 -6.46
N MET C 237 -7.92 -1.86 -6.05
CA MET C 237 -7.62 -2.01 -4.64
C MET C 237 -6.47 -1.06 -4.33
N GLU C 238 -6.64 -0.26 -3.27
CA GLU C 238 -5.60 0.69 -2.88
C GLU C 238 -5.32 0.67 -1.38
N ARG C 239 -4.09 1.02 -1.03
CA ARG C 239 -3.69 1.09 0.36
C ARG C 239 -2.59 2.12 0.53
N LYS C 240 -2.76 2.97 1.53
CA LYS C 240 -1.78 3.99 1.88
C LYS C 240 -1.49 3.59 3.32
N GLY C 241 -0.29 3.10 3.56
CA GLY C 241 0.02 2.66 4.91
C GLY C 241 1.44 2.78 5.39
N VAL C 242 1.67 2.21 6.57
CA VAL C 242 2.96 2.27 7.23
C VAL C 242 3.74 0.96 7.19
N SER C 243 4.93 0.99 6.60
CA SER C 243 5.81 -0.17 6.58
C SER C 243 6.75 0.11 7.75
N GLY C 244 6.70 -0.72 8.80
CA GLY C 244 7.54 -0.48 9.96
C GLY C 244 7.08 0.80 10.65
N ALA C 245 7.87 1.86 10.52
CA ALA C 245 7.52 3.15 11.11
C ALA C 245 7.51 4.20 10.01
N THR C 246 7.54 3.74 8.76
CA THR C 246 7.59 4.63 7.60
C THR C 246 6.22 4.79 6.96
N HIS C 247 5.68 6.00 7.04
CA HIS C 247 4.36 6.30 6.52
C HIS C 247 4.29 6.62 5.02
N ASN C 248 3.06 6.66 4.54
CA ASN C 248 2.72 6.98 3.15
C ASN C 248 3.23 5.99 2.10
N GLN C 249 3.23 4.70 2.42
CA GLN C 249 3.63 3.69 1.45
C GLN C 249 2.39 3.55 0.57
N LEU C 250 2.54 3.70 -0.74
CA LEU C 250 1.40 3.65 -1.66
C LEU C 250 1.35 2.42 -2.59
N PHE C 251 0.21 1.73 -2.56
CA PHE C 251 -0.02 0.52 -3.36
C PHE C 251 -1.34 0.59 -4.15
N ARG C 252 -1.33 0.06 -5.36
CA ARG C 252 -2.54 0.05 -6.19
C ARG C 252 -2.61 -1.15 -7.11
N PHE C 253 -3.75 -1.84 -7.10
CA PHE C 253 -3.93 -2.99 -7.97
C PHE C 253 -5.24 -2.81 -8.73
N GLU C 254 -5.19 -3.00 -10.05
CA GLU C 254 -6.39 -2.86 -10.86
C GLU C 254 -6.53 -3.96 -11.91
N MET C 255 -7.78 -4.37 -12.14
CA MET C 255 -8.11 -5.39 -13.13
C MET C 255 -9.31 -4.94 -13.96
N ARG C 256 -9.29 -5.27 -15.25
CA ARG C 256 -10.40 -5.00 -16.16
C ARG C 256 -10.48 -6.35 -16.86
N ILE C 257 -11.43 -7.15 -16.44
CA ILE C 257 -11.55 -8.51 -16.94
C ILE C 257 -12.95 -9.02 -17.20
N ASN C 258 -13.01 -10.18 -17.86
CA ASN C 258 -14.27 -10.86 -18.12
C ASN C 258 -14.49 -11.58 -16.79
N ASN C 259 -15.57 -11.25 -16.09
CA ASN C 259 -15.86 -11.83 -14.78
C ASN C 259 -15.88 -13.36 -14.72
N PRO C 260 -16.83 -14.02 -15.40
CA PRO C 260 -16.87 -15.48 -15.34
C PRO C 260 -15.61 -16.19 -15.89
N ALA C 261 -14.98 -15.60 -16.90
CA ALA C 261 -13.76 -16.20 -17.47
C ALA C 261 -12.66 -16.29 -16.44
N LEU C 262 -12.42 -15.18 -15.74
CA LEU C 262 -11.38 -15.15 -14.71
C LEU C 262 -11.72 -16.11 -13.57
N THR C 263 -12.96 -16.06 -13.11
CA THR C 263 -13.38 -16.93 -12.02
C THR C 263 -13.12 -18.40 -12.34
N ALA C 264 -13.52 -18.83 -13.53
CA ALA C 264 -13.30 -20.22 -13.92
C ALA C 264 -11.81 -20.58 -13.99
N GLN C 265 -10.98 -19.66 -14.47
CA GLN C 265 -9.55 -19.93 -14.56
C GLN C 265 -8.94 -20.04 -13.16
N VAL C 266 -9.37 -19.18 -12.24
CA VAL C 266 -8.84 -19.25 -10.89
C VAL C 266 -9.28 -20.56 -10.25
N MET C 267 -10.52 -20.96 -10.50
CA MET C 267 -11.01 -22.23 -9.95
C MET C 267 -10.16 -23.41 -10.42
N VAL C 268 -9.77 -23.38 -11.69
CA VAL C 268 -8.92 -24.44 -12.24
C VAL C 268 -7.58 -24.48 -11.48
N ALA C 269 -6.97 -23.31 -11.30
CA ALA C 269 -5.69 -23.22 -10.59
C ALA C 269 -5.82 -23.70 -9.15
N ALA C 270 -6.97 -23.41 -8.53
CA ALA C 270 -7.23 -23.82 -7.16
C ALA C 270 -7.44 -25.34 -7.03
N LEU C 271 -8.04 -25.95 -8.04
CA LEU C 271 -8.27 -27.40 -8.04
C LEU C 271 -6.93 -28.11 -8.18
N ARG C 272 -6.05 -27.50 -8.96
CA ARG C 272 -4.70 -28.03 -9.16
C ARG C 272 -4.02 -28.04 -7.80
N ALA C 273 -4.20 -26.94 -7.05
CA ALA C 273 -3.61 -26.81 -5.74
C ALA C 273 -4.23 -27.77 -4.74
N ALA C 274 -5.55 -27.90 -4.81
CA ALA C 274 -6.28 -28.80 -3.92
C ALA C 274 -5.73 -30.22 -3.99
N ALA C 275 -5.51 -30.72 -5.20
CA ALA C 275 -5.00 -32.07 -5.40
C ALA C 275 -3.62 -32.28 -4.75
N ARG C 276 -2.94 -31.19 -4.41
CA ARG C 276 -1.62 -31.29 -3.80
C ARG C 276 -1.59 -31.07 -2.29
N GLN C 277 -2.76 -30.86 -1.70
CA GLN C 277 -2.85 -30.60 -0.26
C GLN C 277 -3.24 -31.82 0.59
N LYS C 278 -2.96 -31.71 1.89
CA LYS C 278 -3.32 -32.74 2.85
C LYS C 278 -4.84 -32.63 2.96
N PRO C 279 -5.54 -33.76 3.16
CA PRO C 279 -7.00 -33.72 3.27
C PRO C 279 -7.51 -32.67 4.26
N GLY C 280 -8.48 -31.88 3.81
CA GLY C 280 -9.05 -30.83 4.63
C GLY C 280 -9.61 -29.72 3.74
N CYS C 281 -10.06 -28.63 4.35
CA CYS C 281 -10.61 -27.50 3.59
C CYS C 281 -9.72 -26.27 3.76
N TYR C 282 -9.54 -25.53 2.66
CA TYR C 282 -8.67 -24.35 2.61
C TYR C 282 -9.25 -23.15 1.87
N THR C 283 -8.86 -21.94 2.26
CA THR C 283 -9.23 -20.73 1.53
C THR C 283 -7.95 -20.47 0.73
N MET C 284 -7.97 -19.58 -0.25
CA MET C 284 -6.78 -19.34 -1.08
C MET C 284 -5.52 -18.79 -0.40
N ILE C 285 -5.69 -18.11 0.74
CA ILE C 285 -4.52 -17.58 1.43
C ILE C 285 -3.83 -18.60 2.32
N GLU C 286 -4.35 -19.83 2.31
CA GLU C 286 -3.78 -20.91 3.12
C GLU C 286 -2.97 -21.89 2.28
N ILE C 287 -2.72 -21.52 1.02
CA ILE C 287 -1.98 -22.36 0.09
C ILE C 287 -0.81 -21.62 -0.54
N PRO C 288 0.40 -22.21 -0.51
CA PRO C 288 1.51 -21.48 -1.12
C PRO C 288 1.15 -21.21 -2.58
N VAL C 289 1.42 -20.00 -3.05
CA VAL C 289 1.05 -19.62 -4.41
C VAL C 289 1.63 -20.51 -5.51
N ILE C 290 2.80 -21.10 -5.28
CA ILE C 290 3.41 -21.95 -6.30
C ILE C 290 2.58 -23.21 -6.56
N ASP C 291 1.73 -23.58 -5.60
CA ASP C 291 0.89 -24.77 -5.77
C ASP C 291 -0.23 -24.54 -6.79
N TYR C 292 -0.45 -23.28 -7.15
CA TYR C 292 -1.46 -22.92 -8.14
C TYR C 292 -0.86 -23.01 -9.55
N LEU C 293 0.44 -23.26 -9.62
CA LEU C 293 1.13 -23.35 -10.92
C LEU C 293 1.39 -24.80 -11.33
N PRO C 294 1.16 -25.12 -12.61
CA PRO C 294 1.36 -26.48 -13.11
C PRO C 294 2.80 -26.96 -13.23
N GLY C 295 3.02 -28.22 -12.90
CA GLY C 295 4.36 -28.79 -13.00
C GLY C 295 5.28 -28.54 -11.82
N ASP C 296 6.54 -28.92 -12.02
CA ASP C 296 7.59 -28.82 -11.02
C ASP C 296 7.84 -27.38 -10.54
N ARG C 297 8.18 -27.25 -9.26
CA ARG C 297 8.44 -25.95 -8.65
C ARG C 297 9.69 -25.23 -9.13
N GLU C 298 10.78 -25.97 -9.29
CA GLU C 298 12.05 -25.39 -9.73
C GLU C 298 11.92 -24.38 -10.86
N ALA C 299 11.33 -24.80 -11.98
CA ALA C 299 11.19 -23.92 -13.14
C ALA C 299 10.42 -22.64 -12.82
N TRP C 300 9.37 -22.73 -12.02
CA TRP C 300 8.60 -21.53 -11.69
C TRP C 300 9.40 -20.57 -10.82
N ILE C 301 10.19 -21.10 -9.91
CA ILE C 301 11.01 -20.26 -9.04
C ILE C 301 11.98 -19.43 -9.90
N ARG C 302 12.66 -20.09 -10.83
CA ARG C 302 13.60 -19.40 -11.70
C ARG C 302 12.93 -18.39 -12.63
N LYS C 303 11.73 -18.73 -13.11
CA LYS C 303 11.01 -17.83 -14.01
C LYS C 303 10.33 -16.64 -13.34
N LEU C 304 9.81 -16.83 -12.13
CA LEU C 304 9.05 -15.80 -11.45
C LEU C 304 9.61 -15.03 -10.26
N VAL C 305 10.47 -15.65 -9.46
CA VAL C 305 10.98 -14.96 -8.27
C VAL C 305 12.03 -13.88 -8.55
C1 GOL D . 25.63 -20.08 -5.06
O1 GOL D . 26.15 -20.44 -3.78
C2 GOL D . 25.27 -18.60 -5.07
O2 GOL D . 24.27 -18.35 -4.07
C3 GOL D . 26.52 -17.77 -4.75
O3 GOL D . 27.52 -18.02 -5.75
C1 GOL E . -6.73 -1.67 -17.90
O1 GOL E . -6.78 -0.38 -18.51
C2 GOL E . -5.96 -1.60 -16.58
O2 GOL E . -5.90 -2.90 -15.98
C3 GOL E . -4.54 -1.10 -16.85
O3 GOL E . -3.89 -1.99 -17.75
C1 GOL F . 29.18 -14.33 9.66
O1 GOL F . 29.07 -14.90 8.37
C2 GOL F . 30.64 -14.24 10.07
O2 GOL F . 31.23 -15.54 10.04
C3 GOL F . 31.39 -13.34 9.08
O3 GOL F . 31.30 -13.88 7.76
C1 GOL G . 13.00 -11.94 -13.67
O1 GOL G . 12.05 -12.97 -13.85
C2 GOL G . 12.27 -10.60 -13.55
O2 GOL G . 11.38 -10.64 -12.43
C3 GOL G . 13.30 -9.47 -13.34
O3 GOL G . 12.61 -8.23 -13.20
PA NAP H . 24.04 -1.33 3.14
O1A NAP H . 23.46 0.00 3.38
O2A NAP H . 25.39 -1.42 2.53
O5B NAP H . 24.05 -2.13 4.55
C5B NAP H . 24.62 -3.43 4.66
C4B NAP H . 25.19 -3.65 6.06
O4B NAP H . 25.71 -4.98 6.20
C3B NAP H . 26.38 -2.77 6.32
O3B NAP H . 25.94 -1.47 6.73
C2B NAP H . 27.00 -3.49 7.50
O2B NAP H . 26.39 -3.08 8.74
C1B NAP H . 26.72 -4.95 7.21
N9A NAP H . 27.89 -5.63 6.63
C8A NAP H . 28.27 -6.87 6.90
N7A NAP H . 29.23 -7.21 6.04
C5A NAP H . 29.45 -6.17 5.24
C6A NAP H . 30.32 -5.98 4.26
N6A NAP H . 31.04 -7.05 3.90
N1A NAP H . 30.40 -4.82 3.59
C2A NAP H . 29.55 -3.78 3.95
N3A NAP H . 28.63 -4.01 4.98
C4A NAP H . 28.62 -5.19 5.61
O3 NAP H . 23.04 -2.19 2.23
PN NAP H . 21.45 -1.98 2.28
O1N NAP H . 21.00 -2.02 3.69
O2N NAP H . 21.10 -0.80 1.46
O5D NAP H . 20.91 -3.28 1.50
C5D NAP H . 21.25 -4.59 1.95
C4D NAP H . 20.65 -5.61 0.99
O4D NAP H . 19.22 -5.49 0.93
C3D NAP H . 21.01 -5.26 -0.45
O3D NAP H . 22.36 -5.64 -0.73
C2D NAP H . 20.04 -6.17 -1.18
O2D NAP H . 20.60 -7.50 -1.29
C1D NAP H . 18.84 -6.19 -0.26
N1N NAP H . 17.66 -5.55 -0.87
C2N NAP H . 16.72 -6.34 -1.54
C3N NAP H . 15.62 -5.74 -2.15
C7N NAP H . 14.60 -6.55 -2.67
O7N NAP H . 13.54 -6.06 -3.04
N7N NAP H . 14.87 -7.85 -2.67
C4N NAP H . 15.48 -4.36 -2.12
C5N NAP H . 16.42 -3.56 -1.47
C6N NAP H . 17.50 -4.15 -0.84
P2B NAP H . 27.28 -2.97 10.08
O1X NAP H . 28.08 -1.75 9.87
O2X NAP H . 28.06 -4.24 10.09
O3X NAP H . 26.29 -2.87 11.17
C1 GOL I . -9.28 26.31 0.80
O1 GOL I . -8.22 25.37 0.92
C2 GOL I . -8.75 27.71 1.08
O2 GOL I . -7.73 28.04 0.14
C3 GOL I . -9.89 28.72 0.98
O3 GOL I . -9.39 30.03 1.27
C1 GOL J . -5.99 36.46 16.60
O1 GOL J . -6.85 37.31 17.35
C2 GOL J . -6.80 35.32 15.97
O2 GOL J . -5.94 34.48 15.20
C3 GOL J . -7.49 34.50 17.06
O3 GOL J . -8.37 35.33 17.81
C1 GOL K . -5.77 18.84 -16.79
O1 GOL K . -5.72 18.90 -15.36
C2 GOL K . -4.34 18.78 -17.33
O2 GOL K . -3.64 19.98 -16.98
C3 GOL K . -3.62 17.57 -16.73
O3 GOL K . -4.33 16.38 -17.06
PA NAP L . 0.37 18.15 18.28
O1A NAP L . -0.36 17.24 19.18
O2A NAP L . -0.26 19.44 17.92
O5B NAP L . 1.82 18.45 18.91
C5B NAP L . 2.09 19.79 19.35
C4B NAP L . 3.10 19.86 20.49
O4B NAP L . 3.04 21.18 21.05
C3B NAP L . 2.71 18.97 21.66
O3B NAP L . 3.21 17.66 21.42
C2B NAP L . 3.52 19.62 22.76
O2B NAP L . 4.89 19.19 22.74
C1B NAP L . 3.44 21.11 22.43
N9A NAP L . 2.39 21.79 23.21
C8A NAP L . 2.47 23.03 23.69
N7A NAP L . 1.30 23.35 24.22
C5A NAP L . 0.48 22.32 24.06
C6A NAP L . -0.78 22.14 24.43
N6A NAP L . -1.41 23.19 24.92
N1A NAP L . -1.43 20.99 24.19
C2A NAP L . -0.77 19.96 23.52
N3A NAP L . 0.56 20.19 23.13
C4A NAP L . 1.15 21.36 23.42
O3 NAP L . 0.67 17.36 16.91
PN NAP L . 1.19 18.06 15.55
O1N NAP L . 2.65 18.21 15.66
O2N NAP L . 0.65 17.26 14.43
O5D NAP L . 0.54 19.52 15.44
C5D NAP L . 1.13 20.39 14.47
C4D NAP L . 0.30 21.62 14.11
O4D NAP L . 0.93 22.27 13.00
C3D NAP L . -1.08 21.26 13.61
O3D NAP L . -1.98 21.15 14.73
C2D NAP L . -1.42 22.54 12.87
O2D NAP L . -1.69 23.62 13.77
C1D NAP L . -0.09 22.80 12.15
N1N NAP L . -0.05 22.13 10.83
C2N NAP L . -0.26 22.91 9.69
C3N NAP L . -0.33 22.30 8.44
C7N NAP L . -0.35 23.10 7.30
O7N NAP L . -0.22 22.62 6.17
N7N NAP L . -0.48 24.40 7.53
C4N NAP L . -0.22 20.92 8.33
C5N NAP L . -0.03 20.14 9.47
C6N NAP L . 0.08 20.74 10.72
P2B NAP L . 5.72 19.04 24.11
O1X NAP L . 7.13 18.96 23.66
O2X NAP L . 5.18 17.81 24.71
O3X NAP L . 5.39 20.28 24.85
C1 GOL M . -20.15 -45.73 -17.14
O1 GOL M . -20.05 -44.56 -16.31
C2 GOL M . -18.87 -46.55 -17.02
O2 GOL M . -17.76 -45.77 -17.45
C3 GOL M . -18.66 -46.96 -15.56
O3 GOL M . -17.47 -47.74 -15.46
C1 GOL N . -23.29 -23.22 5.97
O1 GOL N . -23.41 -23.83 7.26
C2 GOL N . -22.32 -22.03 6.08
O2 GOL N . -22.18 -21.42 4.79
C3 GOL N . -22.87 -21.01 7.08
O3 GOL N . -24.14 -20.55 6.64
C1 GOL O . 0.28 6.19 -5.81
O1 GOL O . -0.09 7.39 -6.51
C2 GOL O . 0.15 4.98 -6.74
O2 GOL O . 0.51 3.80 -6.04
C3 GOL O . -1.29 4.87 -7.23
O3 GOL O . -2.15 4.67 -6.11
C1 GOL P . -14.66 -8.22 2.67
O1 GOL P . -13.97 -9.01 3.63
C2 GOL P . -13.68 -7.66 1.65
O2 GOL P . -13.01 -8.74 0.99
C3 GOL P . -14.43 -6.82 0.62
O3 GOL P . -15.11 -5.75 1.28
PA NAP Q . -25.36 -19.58 -13.25
O1A NAP Q . -25.09 -18.99 -14.57
O2A NAP Q . -26.72 -19.49 -12.67
O5B NAP Q . -24.89 -21.12 -13.27
C5B NAP Q . -25.20 -22.03 -12.21
C4B NAP Q . -25.48 -23.42 -12.80
O4B NAP Q . -25.69 -24.42 -11.78
C3B NAP Q . -26.75 -23.40 -13.64
O3B NAP Q . -26.43 -23.06 -14.98
C2B NAP Q . -27.14 -24.87 -13.57
O2B NAP Q . -26.30 -25.67 -14.41
C1B NAP Q . -26.88 -25.16 -12.10
N9A NAP Q . -27.98 -24.65 -11.25
C8A NAP Q . -28.77 -23.61 -11.50
N7A NAP Q . -29.61 -23.48 -10.49
C5A NAP Q . -29.35 -24.45 -9.60
C6A NAP Q . -29.94 -24.77 -8.47
N6A NAP Q . -30.96 -24.01 -8.09
N1A NAP Q . -29.56 -25.83 -7.74
C2A NAP Q . -28.49 -26.61 -8.21
N3A NAP Q . -27.88 -26.23 -9.42
C4A NAP Q . -28.33 -25.16 -10.08
O3 NAP Q . -24.35 -18.91 -12.17
PN NAP Q . -22.90 -18.39 -12.63
O1N NAP Q . -22.23 -19.43 -13.45
O2N NAP Q . -23.02 -17.02 -13.19
O5D NAP Q . -22.13 -18.26 -11.22
C5D NAP Q . -22.03 -19.37 -10.33
C4D NAP Q . -21.32 -18.90 -9.06
O4D NAP Q . -20.01 -18.41 -9.36
C3D NAP Q . -21.98 -17.65 -8.51
O3D NAP Q . -23.19 -17.98 -7.82
C2D NAP Q . -20.92 -17.22 -7.52
O2D NAP Q . -21.09 -17.91 -6.28
C1D NAP Q . -19.63 -17.67 -8.18
N1N NAP Q . -18.76 -16.53 -8.57
C2N NAP Q . -17.74 -16.14 -7.69
C3N NAP Q . -16.95 -15.03 -8.01
C7N NAP Q . -15.86 -14.72 -7.20
O7N NAP Q . -15.06 -13.85 -7.54
N7N NAP Q . -15.74 -15.46 -6.11
C4N NAP Q . -17.21 -14.31 -9.16
C5N NAP Q . -18.23 -14.69 -10.02
C6N NAP Q . -19.01 -15.80 -9.73
P2B NAP Q . -26.95 -26.95 -15.14
O1X NAP Q . -25.86 -27.50 -15.98
O2X NAP Q . -28.09 -26.40 -15.91
O3X NAP Q . -27.34 -27.82 -14.00
#